data_4P4Q
#
_entry.id   4P4Q
#
_cell.length_a   44.797
_cell.length_b   113.842
_cell.length_c   88.239
_cell.angle_alpha   90.000
_cell.angle_beta   105.310
_cell.angle_gamma   90.000
#
_symmetry.space_group_name_H-M   'P 1 21 1'
#
loop_
_entity.id
_entity.type
_entity.pdbx_description
1 polymer 'Cytochrome c peroxidase, mitochondrial'
2 polymer 'Cytochrome c iso-1'
3 non-polymer 'PROTOPORPHYRIN IX CONTAINING FE'
4 water water
#
loop_
_entity_poly.entity_id
_entity_poly.type
_entity_poly.pdbx_seq_one_letter_code
_entity_poly.pdbx_strand_id
1 'polypeptide(L)'
;TTPLVHVASVEKGRSYEDFQKVYNAIALKLREDDEYDNYIGYGPVLVRLAWHISGTWDKHDNTGGSYGGTYRFKKEFNDP
SNAGLQNGFKFLEPIHKEFPWISSGDLFSLGGVTAVQEMQGPKIPWRCGRVDTPEDTTPDNGRLPDADKDAGYVRTFFQR
LNMNDREVVALMGAHALGKTHLKNSGYEGPFGAANNVFTNEFYLNLLNEDWKLEKNDANNEQWDSKSGYMMLPTDYSLIQ
DPKYLSIVKEYANDQDKFFKDFSKAFEKLLENGITFPKDAPSPFIFKTLEEQGL
;
A,C
2 'polypeptide(L)'
;GSAKKGATLFKTRCLQCHTVEKGGPHKVGPNLHGIFGRHSGQAEGYSYTDANIKKNVLWDENNMSEYLTNPKKYIPGTKM
AFGGLKKEKDRNDLITYLKKACE
;
B,D
#
loop_
_chem_comp.id
_chem_comp.type
_chem_comp.name
_chem_comp.formula
HEM non-polymer 'PROTOPORPHYRIN IX CONTAINING FE' 'C34 H32 Fe N4 O4'
#
# COMPACT_ATOMS: atom_id res chain seq x y z
N THR A 1 4.30 45.05 -25.41
CA THR A 1 3.24 44.25 -24.79
C THR A 1 3.61 43.86 -23.35
N THR A 2 4.91 43.82 -23.07
CA THR A 2 5.55 43.39 -21.81
C THR A 2 5.99 41.91 -21.85
N PRO A 3 7.10 41.58 -21.17
CA PRO A 3 7.57 40.19 -21.13
C PRO A 3 6.51 39.28 -20.55
N LEU A 4 6.53 38.03 -21.00
CA LEU A 4 5.56 37.07 -20.54
C LEU A 4 5.81 36.76 -19.07
N VAL A 5 4.76 36.94 -18.26
CA VAL A 5 4.83 36.69 -16.81
C VAL A 5 3.81 35.64 -16.37
N HIS A 6 4.25 34.68 -15.57
CA HIS A 6 3.39 33.59 -15.15
C HIS A 6 3.15 33.60 -13.65
N VAL A 7 2.00 34.09 -13.22
CA VAL A 7 1.78 34.24 -11.79
C VAL A 7 1.19 32.96 -11.19
N ALA A 8 1.90 32.40 -10.22
CA ALA A 8 1.41 31.24 -9.47
C ALA A 8 0.01 31.52 -8.93
N SER A 9 -0.91 30.58 -9.12
CA SER A 9 -2.28 30.76 -8.64
C SER A 9 -2.81 29.45 -8.06
N VAL A 10 -2.82 29.37 -6.74
CA VAL A 10 -3.22 28.19 -6.00
C VAL A 10 -4.61 27.73 -6.39
N GLU A 11 -4.73 26.45 -6.71
CA GLU A 11 -6.02 25.84 -7.04
C GLU A 11 -7.09 26.16 -5.99
N LYS A 12 -8.22 26.67 -6.46
CA LYS A 12 -9.26 27.22 -5.57
C LYS A 12 -9.57 26.34 -4.38
N GLY A 13 -9.30 26.86 -3.18
CA GLY A 13 -9.62 26.15 -1.96
C GLY A 13 -8.85 24.85 -1.78
N ARG A 14 -7.67 24.78 -2.38
CA ARG A 14 -6.80 23.65 -2.11
C ARG A 14 -5.66 24.11 -1.19
N SER A 15 -5.12 23.18 -0.42
CA SER A 15 -4.08 23.49 0.55
C SER A 15 -3.15 22.30 0.67
N TYR A 16 -2.13 22.44 1.51
CA TYR A 16 -1.15 21.39 1.74
C TYR A 16 -1.74 19.98 1.92
N GLU A 17 -2.80 19.84 2.70
CA GLU A 17 -3.34 18.48 2.95
C GLU A 17 -3.80 17.80 1.64
N ASP A 18 -4.49 18.56 0.79
CA ASP A 18 -4.91 18.09 -0.54
C ASP A 18 -3.73 17.57 -1.38
N PHE A 19 -2.69 18.40 -1.47
CA PHE A 19 -1.50 18.01 -2.25
C PHE A 19 -0.79 16.80 -1.66
N GLN A 20 -0.73 16.69 -0.33
CA GLN A 20 -0.27 15.45 0.30
C GLN A 20 -1.06 14.23 -0.19
N LYS A 21 -2.36 14.38 -0.41
CA LYS A 21 -3.15 13.23 -0.86
C LYS A 21 -2.87 12.88 -2.33
N VAL A 22 -2.56 13.90 -3.13
CA VAL A 22 -2.13 13.62 -4.50
C VAL A 22 -0.79 12.86 -4.48
N TYR A 23 0.17 13.43 -3.75
CA TYR A 23 1.45 12.78 -3.45
C TYR A 23 1.26 11.33 -3.03
N ASN A 24 0.38 11.09 -2.07
CA ASN A 24 0.14 9.74 -1.56
C ASN A 24 -0.32 8.83 -2.67
N ALA A 25 -1.25 9.31 -3.51
CA ALA A 25 -1.71 8.50 -4.63
C ALA A 25 -0.56 8.14 -5.59
N ILE A 26 0.24 9.14 -5.95
CA ILE A 26 1.42 8.92 -6.79
C ILE A 26 2.37 7.88 -6.18
N ALA A 27 2.74 8.10 -4.92
CA ALA A 27 3.65 7.21 -4.19
C ALA A 27 3.13 5.78 -4.05
N LEU A 28 1.82 5.64 -3.86
CA LEU A 28 1.21 4.33 -3.67
C LEU A 28 1.23 3.59 -4.99
N LYS A 29 0.97 4.31 -6.07
CA LYS A 29 0.99 3.69 -7.40
C LYS A 29 2.44 3.27 -7.72
N LEU A 30 3.40 4.12 -7.37
CA LEU A 30 4.83 3.78 -7.47
C LEU A 30 5.21 2.51 -6.73
N ARG A 31 4.74 2.38 -5.49
CA ARG A 31 5.01 1.19 -4.66
C ARG A 31 4.38 -0.06 -5.24
N GLU A 32 3.15 0.06 -5.72
CA GLU A 32 2.38 -1.11 -6.12
C GLU A 32 2.65 -1.62 -7.55
N ASP A 33 2.96 -0.72 -8.48
CA ASP A 33 3.23 -1.12 -9.87
C ASP A 33 4.70 -1.41 -10.12
N ASP A 34 5.24 -2.37 -9.38
CA ASP A 34 6.68 -2.56 -9.32
C ASP A 34 7.26 -3.40 -10.46
N GLU A 35 6.43 -3.84 -11.40
CA GLU A 35 6.91 -4.71 -12.48
C GLU A 35 7.46 -3.95 -13.67
N TYR A 36 7.05 -2.70 -13.83
CA TYR A 36 7.36 -1.91 -15.02
C TYR A 36 8.86 -1.81 -15.32
N ASP A 37 9.20 -1.93 -16.60
CA ASP A 37 10.56 -1.85 -17.08
C ASP A 37 11.46 -2.83 -16.35
N ASN A 38 11.07 -4.12 -16.41
CA ASN A 38 11.77 -5.18 -15.69
C ASN A 38 12.13 -4.82 -14.27
N TYR A 39 11.12 -4.35 -13.55
CA TYR A 39 11.14 -4.15 -12.11
C TYR A 39 11.98 -2.93 -11.67
N ILE A 40 12.22 -2.03 -12.62
CA ILE A 40 12.77 -0.73 -12.28
C ILE A 40 11.72 0.12 -11.54
N GLY A 41 10.47 0.02 -11.97
CA GLY A 41 9.39 0.78 -11.39
C GLY A 41 9.27 2.10 -12.14
N TYR A 42 8.25 2.90 -11.84
CA TYR A 42 8.00 4.13 -12.60
C TYR A 42 8.83 5.34 -12.14
N GLY A 43 9.57 5.20 -11.05
CA GLY A 43 10.25 6.32 -10.42
C GLY A 43 11.09 7.13 -11.39
N PRO A 44 12.08 6.48 -12.00
CA PRO A 44 12.94 7.20 -12.93
C PRO A 44 12.18 7.90 -14.08
N VAL A 45 11.16 7.27 -14.64
CA VAL A 45 10.48 7.94 -15.75
C VAL A 45 9.70 9.15 -15.27
N LEU A 46 9.20 9.11 -14.05
CA LEU A 46 8.51 10.30 -13.52
C LEU A 46 9.50 11.45 -13.31
N VAL A 47 10.68 11.13 -12.81
CA VAL A 47 11.70 12.17 -12.64
C VAL A 47 12.07 12.81 -14.01
N ARG A 48 12.31 11.95 -15.00
CA ARG A 48 12.62 12.39 -16.35
C ARG A 48 11.49 13.22 -16.97
N LEU A 49 10.24 12.81 -16.75
CA LEU A 49 9.10 13.59 -17.17
C LEU A 49 9.10 14.99 -16.54
N ALA A 50 9.33 15.09 -15.23
CA ALA A 50 9.34 16.42 -14.59
C ALA A 50 10.46 17.34 -15.15
N TRP A 51 11.65 16.77 -15.30
CA TRP A 51 12.76 17.51 -15.93
C TRP A 51 12.45 17.96 -17.37
N HIS A 52 11.89 17.05 -18.17
CA HIS A 52 11.57 17.37 -19.55
C HIS A 52 10.45 18.41 -19.71
N ILE A 53 9.44 18.36 -18.85
CA ILE A 53 8.41 19.39 -18.97
C ILE A 53 8.98 20.71 -18.49
N SER A 54 10.04 20.64 -17.68
CA SER A 54 10.64 21.87 -17.15
C SER A 54 11.74 22.43 -18.06
N GLY A 55 12.44 21.52 -18.75
CA GLY A 55 13.66 21.87 -19.46
C GLY A 55 13.45 22.58 -20.80
N THR A 56 12.20 22.88 -21.12
CA THR A 56 11.88 23.62 -22.34
C THR A 56 12.01 25.10 -22.10
N TRP A 57 12.27 25.50 -20.85
CA TRP A 57 12.24 26.91 -20.49
C TRP A 57 13.39 27.66 -21.17
N ASP A 58 13.11 28.89 -21.59
CA ASP A 58 14.14 29.79 -22.11
C ASP A 58 14.09 31.05 -21.27
N LYS A 59 15.17 31.33 -20.54
CA LYS A 59 15.14 32.41 -19.59
C LYS A 59 15.03 33.76 -20.29
N HIS A 60 15.36 33.82 -21.57
CA HIS A 60 15.45 35.12 -22.26
C HIS A 60 14.08 35.75 -22.57
N ASP A 61 13.06 34.91 -22.77
CA ASP A 61 11.70 35.39 -23.06
C ASP A 61 10.63 34.64 -22.27
N ASN A 62 11.05 33.82 -21.31
CA ASN A 62 10.15 33.02 -20.51
C ASN A 62 9.17 32.14 -21.31
N THR A 63 9.63 31.54 -22.40
CA THR A 63 8.73 30.77 -23.28
C THR A 63 8.37 29.35 -22.82
N GLY A 64 9.35 28.56 -22.41
CA GLY A 64 9.05 27.16 -22.12
C GLY A 64 8.52 26.91 -20.72
N GLY A 65 8.93 25.79 -20.14
CA GLY A 65 8.78 25.57 -18.71
C GLY A 65 7.55 24.84 -18.23
N SER A 66 7.54 24.55 -16.93
CA SER A 66 6.53 23.72 -16.30
C SER A 66 5.15 24.35 -16.15
N TYR A 67 5.09 25.68 -16.14
CA TYR A 67 3.88 26.39 -15.71
C TYR A 67 2.65 25.99 -16.48
N GLY A 68 2.81 25.93 -17.80
CA GLY A 68 1.68 25.86 -18.70
C GLY A 68 1.10 24.48 -18.91
N GLY A 69 1.74 23.45 -18.37
CA GLY A 69 1.28 22.08 -18.52
C GLY A 69 1.22 21.65 -19.97
N THR A 70 2.07 22.27 -20.79
CA THR A 70 1.95 22.12 -22.25
C THR A 70 2.33 20.74 -22.78
N TYR A 71 2.94 19.91 -21.92
CA TYR A 71 3.24 18.53 -22.31
C TYR A 71 1.99 17.74 -22.75
N ARG A 72 0.82 18.19 -22.32
CA ARG A 72 -0.43 17.50 -22.64
C ARG A 72 -0.88 17.61 -24.12
N PHE A 73 -0.19 18.42 -24.92
CA PHE A 73 -0.55 18.58 -26.34
C PHE A 73 0.38 17.80 -27.25
N LYS A 74 -0.17 17.30 -28.36
CA LYS A 74 0.57 16.45 -29.31
C LYS A 74 1.95 16.99 -29.76
N LYS A 75 2.02 18.24 -30.19
CA LYS A 75 3.30 18.82 -30.59
C LYS A 75 4.41 18.56 -29.57
N GLU A 76 4.11 18.77 -28.28
CA GLU A 76 5.12 18.55 -27.24
C GLU A 76 5.24 17.07 -26.87
N PHE A 77 4.11 16.35 -26.95
CA PHE A 77 3.97 14.93 -26.62
C PHE A 77 4.83 14.05 -27.52
N ASN A 78 4.75 14.30 -28.83
CA ASN A 78 5.50 13.58 -29.84
C ASN A 78 6.90 14.12 -30.10
N ASP A 79 7.37 15.05 -29.28
CA ASP A 79 8.75 15.52 -29.39
C ASP A 79 9.65 14.29 -29.27
N PRO A 80 10.47 14.02 -30.31
CA PRO A 80 11.39 12.87 -30.30
C PRO A 80 12.30 12.85 -29.08
N SER A 81 12.63 14.01 -28.53
CA SER A 81 13.41 14.04 -27.29
C SER A 81 12.64 13.39 -26.15
N ASN A 82 11.31 13.39 -26.26
CA ASN A 82 10.42 12.96 -25.19
C ASN A 82 9.91 11.53 -25.34
N ALA A 83 10.44 10.78 -26.30
CA ALA A 83 9.98 9.41 -26.48
C ALA A 83 10.17 8.63 -25.20
N GLY A 84 9.13 7.91 -24.79
CA GLY A 84 9.17 7.11 -23.58
C GLY A 84 8.42 7.73 -22.43
N LEU A 85 8.18 9.04 -22.50
CA LEU A 85 7.54 9.73 -21.39
C LEU A 85 6.04 9.51 -21.39
N GLN A 86 5.51 8.99 -22.49
CA GLN A 86 4.11 8.63 -22.55
C GLN A 86 3.81 7.66 -21.41
N ASN A 87 4.78 6.84 -21.03
CA ASN A 87 4.61 5.92 -19.90
C ASN A 87 4.36 6.64 -18.57
N GLY A 88 5.13 7.69 -18.30
CA GLY A 88 4.89 8.52 -17.13
C GLY A 88 3.55 9.23 -17.22
N PHE A 89 3.21 9.71 -18.41
CA PHE A 89 1.93 10.38 -18.61
C PHE A 89 0.75 9.45 -18.31
N LYS A 90 0.79 8.25 -18.88
CA LYS A 90 -0.24 7.24 -18.64
C LYS A 90 -0.28 6.78 -17.17
N PHE A 91 0.87 6.74 -16.52
CA PHE A 91 0.93 6.48 -15.08
C PHE A 91 0.13 7.54 -14.32
N LEU A 92 0.35 8.80 -14.69
CA LEU A 92 -0.25 9.92 -13.97
C LEU A 92 -1.73 10.13 -14.32
N GLU A 93 -2.15 9.54 -15.43
CA GLU A 93 -3.55 9.65 -15.89
C GLU A 93 -4.62 9.31 -14.84
N PRO A 94 -4.55 8.12 -14.22
CA PRO A 94 -5.63 7.77 -13.30
C PRO A 94 -5.63 8.70 -12.09
N ILE A 95 -4.45 9.19 -11.73
CA ILE A 95 -4.33 10.13 -10.62
C ILE A 95 -4.97 11.47 -10.95
N HIS A 96 -4.76 11.96 -12.17
CA HIS A 96 -5.44 13.18 -12.61
C HIS A 96 -6.95 13.05 -12.53
N LYS A 97 -7.49 11.89 -12.91
CA LYS A 97 -8.95 11.71 -12.86
C LYS A 97 -9.46 11.66 -11.42
N GLU A 98 -8.57 11.29 -10.49
CA GLU A 98 -8.94 11.24 -9.08
C GLU A 98 -8.88 12.63 -8.45
N PHE A 99 -8.02 13.49 -8.98
CA PHE A 99 -7.95 14.86 -8.51
C PHE A 99 -8.01 15.77 -9.73
N PRO A 100 -9.22 15.95 -10.30
CA PRO A 100 -9.34 16.66 -11.57
C PRO A 100 -9.05 18.13 -11.43
N TRP A 101 -8.96 18.59 -10.19
CA TRP A 101 -8.74 20.00 -9.91
C TRP A 101 -7.28 20.40 -10.07
N ILE A 102 -6.36 19.44 -10.09
CA ILE A 102 -4.95 19.83 -10.13
C ILE A 102 -4.53 20.18 -11.56
N SER A 103 -3.75 21.24 -11.71
CA SER A 103 -3.33 21.65 -13.04
C SER A 103 -2.31 20.65 -13.53
N SER A 104 -2.23 20.52 -14.85
CA SER A 104 -1.33 19.54 -15.45
C SER A 104 0.16 19.74 -15.06
N GLY A 105 0.60 21.00 -15.03
CA GLY A 105 1.99 21.30 -14.67
C GLY A 105 2.31 20.95 -13.23
N ASP A 106 1.34 21.21 -12.36
CA ASP A 106 1.47 20.90 -10.94
C ASP A 106 1.59 19.39 -10.80
N LEU A 107 0.81 18.65 -11.59
CA LEU A 107 0.81 17.19 -11.52
C LEU A 107 2.13 16.59 -12.02
N PHE A 108 2.62 17.04 -13.17
CA PHE A 108 3.90 16.51 -13.68
C PHE A 108 5.06 16.79 -12.73
N SER A 109 5.17 18.05 -12.31
CA SER A 109 6.28 18.40 -11.44
C SER A 109 6.17 17.60 -10.12
N LEU A 110 4.95 17.46 -9.62
CA LEU A 110 4.72 16.73 -8.36
C LEU A 110 5.09 15.25 -8.51
N GLY A 111 4.86 14.70 -9.70
CA GLY A 111 5.24 13.34 -10.01
C GLY A 111 6.72 13.17 -9.80
N GLY A 112 7.49 14.09 -10.37
CA GLY A 112 8.94 14.00 -10.22
C GLY A 112 9.41 14.12 -8.78
N VAL A 113 8.87 15.10 -8.08
CA VAL A 113 9.25 15.26 -6.68
C VAL A 113 8.91 14.00 -5.87
N THR A 114 7.69 13.50 -6.04
CA THR A 114 7.26 12.30 -5.31
C THR A 114 8.24 11.18 -5.59
N ALA A 115 8.51 10.92 -6.86
CA ALA A 115 9.47 9.87 -7.22
C ALA A 115 10.81 10.03 -6.50
N VAL A 116 11.40 11.22 -6.59
CA VAL A 116 12.69 11.40 -5.95
C VAL A 116 12.58 11.10 -4.44
N GLN A 117 11.50 11.54 -3.82
CA GLN A 117 11.36 11.29 -2.39
C GLN A 117 11.16 9.80 -2.03
N GLU A 118 10.25 9.15 -2.72
CA GLU A 118 9.96 7.75 -2.48
C GLU A 118 11.20 6.89 -2.70
N MET A 119 12.05 7.28 -3.63
CA MET A 119 13.25 6.52 -3.94
C MET A 119 14.39 6.77 -2.96
N GLN A 120 14.03 7.30 -1.79
CA GLN A 120 14.93 7.56 -0.67
C GLN A 120 15.93 8.70 -0.98
N GLY A 121 15.54 9.57 -1.91
CA GLY A 121 16.31 10.78 -2.19
C GLY A 121 16.05 11.87 -1.15
N PRO A 122 16.61 13.07 -1.36
CA PRO A 122 16.41 14.17 -0.41
C PRO A 122 14.96 14.67 -0.46
N LYS A 123 14.55 15.41 0.55
CA LYS A 123 13.27 16.07 0.52
C LYS A 123 13.36 17.27 -0.42
N ILE A 124 12.36 17.43 -1.28
CA ILE A 124 12.30 18.53 -2.23
C ILE A 124 11.09 19.41 -1.96
N PRO A 125 11.32 20.62 -1.44
CA PRO A 125 10.22 21.58 -1.31
C PRO A 125 9.51 21.77 -2.66
N TRP A 126 8.20 21.95 -2.63
CA TRP A 126 7.42 22.03 -3.86
C TRP A 126 6.36 23.09 -3.71
N ARG A 127 6.16 23.88 -4.76
CA ARG A 127 5.15 24.93 -4.73
C ARG A 127 4.08 24.64 -5.76
N CYS A 128 2.84 24.85 -5.37
CA CYS A 128 1.72 24.66 -6.26
C CYS A 128 1.43 25.98 -6.97
N GLY A 129 0.52 25.92 -7.94
CA GLY A 129 -0.02 27.13 -8.51
C GLY A 129 0.17 27.31 -10.00
N ARG A 130 0.74 26.29 -10.66
CA ARG A 130 0.89 26.32 -12.11
C ARG A 130 -0.50 26.24 -12.74
N VAL A 131 -0.67 26.88 -13.89
CA VAL A 131 -1.97 26.97 -14.53
C VAL A 131 -1.90 26.52 -15.99
N ASP A 132 -2.87 25.69 -16.40
CA ASP A 132 -2.94 25.19 -17.76
C ASP A 132 -3.07 26.32 -18.77
N THR A 133 -2.18 26.36 -19.77
CA THR A 133 -2.22 27.39 -20.82
C THR A 133 -2.63 26.80 -22.18
N PRO A 134 -3.15 27.65 -23.10
CA PRO A 134 -3.62 27.17 -24.41
C PRO A 134 -2.58 26.44 -25.26
N GLU A 135 -3.07 25.64 -26.20
CA GLU A 135 -2.24 24.83 -27.10
C GLU A 135 -1.21 25.64 -27.94
N ASP A 136 -1.47 26.92 -28.17
CA ASP A 136 -0.52 27.72 -28.97
C ASP A 136 0.66 28.26 -28.16
N THR A 137 0.66 28.00 -26.86
CA THR A 137 1.77 28.41 -26.00
C THR A 137 2.80 27.30 -25.86
N THR A 138 2.48 26.14 -26.41
CA THR A 138 3.38 25.01 -26.38
C THR A 138 4.66 25.33 -27.14
N PRO A 139 5.81 25.08 -26.50
CA PRO A 139 7.13 25.34 -27.08
C PRO A 139 7.40 24.43 -28.26
N ASP A 140 8.13 24.93 -29.26
CA ASP A 140 8.58 24.10 -30.37
C ASP A 140 9.47 22.95 -29.88
N ASN A 141 9.50 21.87 -30.65
CA ASN A 141 10.43 20.78 -30.42
C ASN A 141 11.88 21.26 -30.53
N GLY A 142 12.79 20.63 -29.79
CA GLY A 142 14.21 20.84 -30.00
C GLY A 142 14.88 21.65 -28.91
N ARG A 143 14.16 21.89 -27.82
CA ARG A 143 14.67 22.71 -26.72
C ARG A 143 15.41 21.90 -25.68
N LEU A 144 15.28 20.58 -25.75
CA LEU A 144 15.96 19.68 -24.82
C LEU A 144 17.32 19.29 -25.40
N PRO A 145 18.28 18.94 -24.52
CA PRO A 145 19.66 18.73 -24.94
C PRO A 145 19.93 17.41 -25.60
N ASP A 146 20.96 17.40 -26.43
CA ASP A 146 21.37 16.19 -27.11
C ASP A 146 22.42 15.48 -26.29
N ALA A 147 22.54 14.18 -26.51
CA ALA A 147 23.41 13.34 -25.69
C ALA A 147 24.83 13.25 -26.22
N ASP A 148 24.97 13.25 -27.56
CA ASP A 148 26.26 13.10 -28.23
C ASP A 148 27.01 14.43 -28.32
N LYS A 149 27.28 15.03 -27.16
CA LYS A 149 27.93 16.34 -27.09
C LYS A 149 29.03 16.35 -26.03
N ASP A 150 29.74 17.48 -25.91
CA ASP A 150 30.80 17.61 -24.90
C ASP A 150 30.43 18.56 -23.76
N ALA A 151 31.40 18.80 -22.88
CA ALA A 151 31.18 19.61 -21.69
C ALA A 151 30.84 21.05 -22.06
N GLY A 152 31.51 21.58 -23.08
CA GLY A 152 31.25 22.93 -23.54
C GLY A 152 29.80 23.07 -23.91
N TYR A 153 29.30 22.10 -24.68
CA TYR A 153 27.90 22.11 -25.06
C TYR A 153 27.02 22.13 -23.81
N VAL A 154 27.37 21.30 -22.83
CA VAL A 154 26.53 21.14 -21.63
C VAL A 154 26.43 22.47 -20.85
N ARG A 155 27.59 23.04 -20.54
CA ARG A 155 27.65 24.30 -19.82
C ARG A 155 26.80 25.37 -20.53
N THR A 156 27.08 25.51 -21.83
CA THR A 156 26.35 26.45 -22.67
C THR A 156 24.83 26.23 -22.66
N PHE A 157 24.40 24.99 -22.88
CA PHE A 157 22.98 24.66 -22.90
C PHE A 157 22.30 25.05 -21.61
N PHE A 158 22.98 24.81 -20.50
CA PHE A 158 22.38 25.08 -19.19
C PHE A 158 22.33 26.54 -18.80
N GLN A 159 23.15 27.37 -19.45
CA GLN A 159 22.99 28.81 -19.31
C GLN A 159 21.54 29.23 -19.56
N ARG A 160 20.93 28.64 -20.59
CA ARG A 160 19.57 29.02 -20.97
C ARG A 160 18.55 28.75 -19.83
N LEU A 161 18.86 27.79 -18.96
CA LEU A 161 17.97 27.46 -17.84
C LEU A 161 18.40 28.15 -16.56
N ASN A 162 19.40 29.01 -16.72
CA ASN A 162 19.97 29.77 -15.62
C ASN A 162 20.69 28.87 -14.62
N MET A 163 21.28 27.77 -15.08
CA MET A 163 22.00 26.91 -14.15
C MET A 163 23.50 27.09 -14.26
N ASN A 164 24.17 27.26 -13.11
CA ASN A 164 25.63 27.33 -13.01
C ASN A 164 26.27 25.94 -12.92
N ASP A 165 27.60 25.89 -12.82
CA ASP A 165 28.36 24.63 -12.81
C ASP A 165 27.89 23.61 -11.73
N ARG A 166 27.78 24.06 -10.49
CA ARG A 166 27.37 23.19 -9.39
C ARG A 166 25.95 22.67 -9.58
N GLU A 167 25.08 23.53 -10.10
CA GLU A 167 23.70 23.13 -10.35
C GLU A 167 23.60 22.08 -11.45
N VAL A 168 24.40 22.24 -12.50
CA VAL A 168 24.48 21.27 -13.58
C VAL A 168 24.99 19.91 -13.09
N VAL A 169 26.09 19.93 -12.33
CA VAL A 169 26.65 18.67 -11.82
C VAL A 169 25.65 17.94 -10.89
N ALA A 170 25.08 18.73 -9.98
CA ALA A 170 24.02 18.25 -9.09
C ALA A 170 22.90 17.62 -9.90
N LEU A 171 22.29 18.37 -10.82
CA LEU A 171 21.15 17.84 -11.59
C LEU A 171 21.48 16.56 -12.35
N MET A 172 22.68 16.50 -12.92
CA MET A 172 23.07 15.34 -13.68
C MET A 172 23.17 14.09 -12.79
N GLY A 173 23.42 14.30 -11.51
CA GLY A 173 23.32 13.17 -10.58
C GLY A 173 22.05 12.32 -10.66
N ALA A 174 21.00 12.87 -11.27
CA ALA A 174 19.76 12.13 -11.45
C ALA A 174 19.95 10.91 -12.37
N HIS A 175 21.03 10.89 -13.15
CA HIS A 175 21.38 9.70 -13.90
C HIS A 175 21.92 8.57 -13.04
N ALA A 176 21.75 8.64 -11.73
CA ALA A 176 21.85 7.44 -10.91
C ALA A 176 20.66 6.53 -11.23
N LEU A 177 19.55 7.17 -11.61
CA LEU A 177 18.26 6.51 -11.74
C LEU A 177 17.98 5.99 -13.15
N GLY A 178 17.50 4.76 -13.23
CA GLY A 178 16.92 4.24 -14.47
C GLY A 178 17.93 3.85 -15.54
N LYS A 179 17.51 3.91 -16.79
CA LYS A 179 18.30 3.40 -17.90
C LYS A 179 17.96 4.12 -19.22
N THR A 180 18.81 3.90 -20.23
CA THR A 180 18.48 4.28 -21.60
C THR A 180 17.83 3.10 -22.30
N HIS A 181 16.87 3.37 -23.18
CA HIS A 181 16.24 2.33 -23.97
C HIS A 181 16.49 2.64 -25.45
N LEU A 182 16.94 1.63 -26.19
CA LEU A 182 17.26 1.80 -27.59
C LEU A 182 16.09 2.41 -28.38
N LYS A 183 14.88 1.91 -28.16
CA LYS A 183 13.76 2.35 -28.99
C LYS A 183 13.31 3.78 -28.71
N ASN A 184 13.82 4.35 -27.63
CA ASN A 184 13.49 5.70 -27.23
C ASN A 184 14.51 6.72 -27.72
N SER A 185 15.77 6.46 -27.43
CA SER A 185 16.79 7.49 -27.61
C SER A 185 18.04 7.03 -28.36
N GLY A 186 18.05 5.81 -28.89
CA GLY A 186 19.24 5.31 -29.57
C GLY A 186 20.39 4.96 -28.65
N TYR A 187 20.12 4.93 -27.33
CA TYR A 187 21.08 4.46 -26.33
C TYR A 187 20.50 3.34 -25.45
N GLU A 188 21.35 2.41 -25.01
CA GLU A 188 20.84 1.23 -24.31
C GLU A 188 21.64 0.84 -23.07
N GLY A 189 20.96 0.77 -21.94
CA GLY A 189 21.56 0.20 -20.75
C GLY A 189 21.37 0.98 -19.47
N PRO A 190 21.56 0.28 -18.33
CA PRO A 190 21.47 0.86 -17.00
C PRO A 190 22.59 1.85 -16.79
N PHE A 191 22.29 3.01 -16.17
CA PHE A 191 23.31 4.00 -15.81
C PHE A 191 24.15 3.52 -14.66
N GLY A 192 23.54 2.79 -13.73
CA GLY A 192 24.28 2.28 -12.61
C GLY A 192 23.69 1.01 -12.06
N ALA A 193 23.92 0.81 -10.77
CA ALA A 193 23.60 -0.44 -10.11
C ALA A 193 22.25 -0.38 -9.41
N ALA A 194 22.06 0.65 -8.59
CA ALA A 194 20.78 0.84 -7.92
C ALA A 194 19.97 1.67 -8.86
N ASN A 195 18.98 1.04 -9.46
CA ASN A 195 18.27 1.65 -10.56
C ASN A 195 17.15 2.55 -10.07
N ASN A 196 16.68 2.28 -8.85
CA ASN A 196 15.51 2.98 -8.35
C ASN A 196 15.66 3.41 -6.90
N VAL A 197 16.91 3.60 -6.48
CA VAL A 197 17.22 4.19 -5.20
C VAL A 197 18.16 5.37 -5.44
N PHE A 198 17.82 6.53 -4.89
CA PHE A 198 18.54 7.76 -5.19
C PHE A 198 19.80 7.85 -4.33
N THR A 199 20.97 7.71 -4.96
CA THR A 199 22.27 7.77 -4.26
C THR A 199 23.24 8.70 -5.00
N ASN A 200 24.49 8.79 -4.52
CA ASN A 200 25.52 9.54 -5.25
C ASN A 200 26.35 8.63 -6.16
N GLU A 201 25.74 7.52 -6.57
CA GLU A 201 26.47 6.50 -7.31
C GLU A 201 26.87 6.96 -8.69
N PHE A 202 26.18 7.95 -9.24
CA PHE A 202 26.56 8.54 -10.54
C PHE A 202 28.02 9.02 -10.48
N TYR A 203 28.31 9.85 -9.49
CA TYR A 203 29.66 10.37 -9.26
C TYR A 203 30.68 9.26 -8.99
N LEU A 204 30.40 8.45 -7.98
CA LEU A 204 31.29 7.33 -7.66
C LEU A 204 31.58 6.45 -8.89
N ASN A 205 30.55 6.10 -9.65
CA ASN A 205 30.71 5.28 -10.84
C ASN A 205 31.57 5.97 -11.89
N LEU A 206 31.29 7.24 -12.15
CA LEU A 206 32.07 7.99 -13.14
C LEU A 206 33.55 7.92 -12.82
N LEU A 207 33.89 8.11 -11.54
CA LEU A 207 35.29 8.14 -11.13
C LEU A 207 35.98 6.78 -10.95
N ASN A 208 35.21 5.76 -10.57
CA ASN A 208 35.82 4.54 -10.06
C ASN A 208 35.75 3.33 -10.98
N GLU A 209 34.85 3.37 -11.95
CA GLU A 209 34.72 2.27 -12.89
C GLU A 209 35.64 2.46 -14.09
N ASP A 210 35.83 1.40 -14.87
CA ASP A 210 36.65 1.45 -16.07
C ASP A 210 35.76 1.52 -17.30
N TRP A 211 35.77 2.67 -17.96
CA TRP A 211 34.83 2.95 -19.03
C TRP A 211 35.47 2.80 -20.41
N LYS A 212 34.70 2.36 -21.38
CA LYS A 212 35.18 2.32 -22.76
C LYS A 212 34.14 2.94 -23.70
N LEU A 213 34.59 3.77 -24.64
CA LEU A 213 33.68 4.41 -25.58
C LEU A 213 33.45 3.55 -26.82
N GLU A 214 32.24 3.01 -26.97
CA GLU A 214 31.94 2.11 -28.09
C GLU A 214 30.59 2.35 -28.75
N LYS A 215 30.41 1.76 -29.93
CA LYS A 215 29.16 1.91 -30.66
C LYS A 215 28.15 0.86 -30.21
N ASN A 216 26.91 1.29 -29.96
CA ASN A 216 25.82 0.38 -29.60
C ASN A 216 25.09 -0.10 -30.85
N ASP A 217 23.96 -0.80 -30.66
CA ASP A 217 23.16 -1.30 -31.78
C ASP A 217 22.51 -0.22 -32.66
N ALA A 218 22.48 1.03 -32.20
CA ALA A 218 21.97 2.10 -33.06
C ALA A 218 23.10 2.87 -33.75
N ASN A 219 24.32 2.37 -33.60
CA ASN A 219 25.53 3.01 -34.14
C ASN A 219 25.90 4.32 -33.44
N ASN A 220 25.19 4.61 -32.35
CA ASN A 220 25.59 5.67 -31.44
C ASN A 220 26.71 5.25 -30.51
N GLU A 221 27.52 6.23 -30.12
CA GLU A 221 28.63 5.96 -29.24
C GLU A 221 28.23 6.25 -27.78
N GLN A 222 28.54 5.33 -26.89
CA GLN A 222 28.24 5.48 -25.47
C GLN A 222 29.37 4.82 -24.70
N TRP A 223 29.55 5.27 -23.45
CA TRP A 223 30.59 4.77 -22.57
C TRP A 223 30.03 3.62 -21.76
N ASP A 224 30.66 2.45 -21.88
CA ASP A 224 30.25 1.26 -21.15
C ASP A 224 31.32 0.80 -20.18
N SER A 225 30.93 0.49 -18.96
CA SER A 225 31.87 -0.06 -18.00
C SER A 225 31.90 -1.58 -18.10
N LYS A 226 32.98 -2.18 -17.65
CA LYS A 226 33.05 -3.63 -17.61
C LYS A 226 32.01 -4.19 -16.63
N SER A 227 31.62 -3.38 -15.64
CA SER A 227 30.62 -3.79 -14.67
C SER A 227 29.21 -3.72 -15.24
N GLY A 228 29.09 -3.30 -16.49
CA GLY A 228 27.84 -3.44 -17.20
C GLY A 228 26.99 -2.20 -17.29
N TYR A 229 27.52 -1.05 -16.84
CA TYR A 229 26.77 0.20 -16.90
C TYR A 229 27.07 0.92 -18.22
N MET A 230 26.39 2.04 -18.43
CA MET A 230 26.65 2.90 -19.57
C MET A 230 26.50 4.38 -19.18
N MET A 231 27.24 5.25 -19.85
CA MET A 231 27.03 6.69 -19.71
C MET A 231 26.97 7.34 -21.08
N LEU A 232 26.13 8.35 -21.21
CA LEU A 232 26.06 9.15 -22.43
C LEU A 232 27.34 9.99 -22.52
N PRO A 233 27.67 10.49 -23.74
CA PRO A 233 28.85 11.36 -23.83
C PRO A 233 28.77 12.62 -22.94
N THR A 234 27.59 13.24 -22.84
CA THR A 234 27.35 14.40 -21.98
C THR A 234 27.63 14.13 -20.48
N ASP A 235 27.34 12.90 -20.05
CA ASP A 235 27.59 12.50 -18.68
C ASP A 235 29.08 12.40 -18.43
N TYR A 236 29.78 11.73 -19.34
CA TYR A 236 31.18 11.45 -19.15
C TYR A 236 31.98 12.76 -19.27
N SER A 237 31.44 13.73 -19.98
CA SER A 237 32.15 15.01 -20.16
C SER A 237 32.27 15.74 -18.82
N LEU A 238 31.52 15.29 -17.82
CA LEU A 238 31.62 15.87 -16.49
C LEU A 238 32.91 15.46 -15.77
N ILE A 239 33.58 14.41 -16.26
CA ILE A 239 34.94 14.15 -15.79
C ILE A 239 36.03 14.60 -16.82
N GLN A 240 35.60 15.12 -17.95
CA GLN A 240 36.54 15.61 -18.97
C GLN A 240 36.84 17.10 -18.83
N ASP A 241 35.97 17.81 -18.12
CA ASP A 241 36.12 19.25 -17.90
C ASP A 241 36.59 19.49 -16.47
N PRO A 242 37.65 20.28 -16.28
CA PRO A 242 38.28 20.40 -14.95
C PRO A 242 37.35 20.93 -13.85
N LYS A 243 36.59 21.97 -14.17
CA LYS A 243 35.71 22.60 -13.19
C LYS A 243 34.58 21.65 -12.77
N TYR A 244 33.99 21.01 -13.76
CA TYR A 244 33.02 19.96 -13.50
C TYR A 244 33.63 18.86 -12.64
N LEU A 245 34.85 18.46 -12.99
CA LEU A 245 35.57 17.39 -12.32
C LEU A 245 35.70 17.63 -10.82
N SER A 246 36.04 18.86 -10.45
CA SER A 246 36.08 19.19 -9.02
C SER A 246 34.77 18.84 -8.32
N ILE A 247 33.68 19.41 -8.81
CA ILE A 247 32.35 19.19 -8.24
C ILE A 247 31.95 17.72 -8.20
N VAL A 248 32.30 17.01 -9.25
CA VAL A 248 32.06 15.57 -9.33
C VAL A 248 32.73 14.88 -8.14
N LYS A 249 34.02 15.16 -7.92
CA LYS A 249 34.72 14.56 -6.79
C LYS A 249 34.11 14.96 -5.45
N GLU A 250 33.62 16.19 -5.39
CA GLU A 250 32.96 16.69 -4.18
C GLU A 250 31.71 15.85 -3.85
N TYR A 251 30.80 15.75 -4.81
CA TYR A 251 29.58 14.97 -4.58
C TYR A 251 29.87 13.47 -4.36
N ALA A 252 30.96 13.00 -4.96
CA ALA A 252 31.38 11.61 -4.77
C ALA A 252 31.86 11.39 -3.34
N ASN A 253 32.48 12.40 -2.73
CA ASN A 253 32.94 12.25 -1.36
C ASN A 253 31.89 12.58 -0.29
N ASP A 254 30.80 13.24 -0.69
CA ASP A 254 29.81 13.73 0.28
C ASP A 254 28.39 13.62 -0.26
N GLN A 255 27.68 12.57 0.11
CA GLN A 255 26.33 12.40 -0.43
C GLN A 255 25.36 13.43 0.11
N ASP A 256 25.51 13.75 1.39
CA ASP A 256 24.67 14.74 2.07
C ASP A 256 24.64 16.08 1.32
N LYS A 257 25.83 16.59 1.02
CA LYS A 257 25.99 17.82 0.24
C LYS A 257 25.27 17.69 -1.10
N PHE A 258 25.45 16.54 -1.75
CA PHE A 258 24.84 16.33 -3.05
C PHE A 258 23.31 16.37 -2.94
N PHE A 259 22.78 15.81 -1.87
CA PHE A 259 21.36 15.82 -1.63
C PHE A 259 20.86 17.24 -1.48
N LYS A 260 21.55 18.04 -0.65
CA LYS A 260 21.20 19.45 -0.48
C LYS A 260 21.18 20.25 -1.80
N ASP A 261 22.27 20.14 -2.56
CA ASP A 261 22.42 20.91 -3.79
C ASP A 261 21.43 20.41 -4.83
N PHE A 262 21.20 19.10 -4.84
CA PHE A 262 20.23 18.56 -5.79
C PHE A 262 18.84 19.04 -5.47
N SER A 263 18.47 19.05 -4.19
CA SER A 263 17.14 19.53 -3.85
C SER A 263 16.94 20.98 -4.32
N LYS A 264 17.93 21.81 -4.01
CA LYS A 264 17.88 23.20 -4.47
C LYS A 264 17.73 23.30 -6.00
N ALA A 265 18.64 22.67 -6.71
CA ALA A 265 18.64 22.70 -8.18
C ALA A 265 17.36 22.18 -8.81
N PHE A 266 16.87 21.05 -8.32
CA PHE A 266 15.66 20.45 -8.87
C PHE A 266 14.44 21.34 -8.63
N GLU A 267 14.31 21.89 -7.43
CA GLU A 267 13.19 22.79 -7.19
C GLU A 267 13.29 24.01 -8.09
N LYS A 268 14.51 24.53 -8.25
CA LYS A 268 14.71 25.70 -9.10
C LYS A 268 14.24 25.37 -10.50
N LEU A 269 14.65 24.20 -10.97
CA LEU A 269 14.28 23.69 -12.28
C LEU A 269 12.76 23.66 -12.47
N LEU A 270 12.05 23.09 -11.49
CA LEU A 270 10.61 22.91 -11.60
C LEU A 270 9.89 24.24 -11.51
N GLU A 271 10.57 25.22 -10.93
CA GLU A 271 9.97 26.54 -10.73
C GLU A 271 10.37 27.64 -11.72
N ASN A 272 11.42 27.42 -12.50
CA ASN A 272 11.86 28.44 -13.48
C ASN A 272 10.67 28.93 -14.28
N GLY A 273 10.61 30.24 -14.51
CA GLY A 273 9.53 30.85 -15.25
C GLY A 273 8.29 31.23 -14.45
N ILE A 274 8.22 30.78 -13.19
CA ILE A 274 7.05 31.06 -12.33
C ILE A 274 7.30 32.24 -11.40
N THR A 275 6.37 33.19 -11.39
CA THR A 275 6.34 34.25 -10.38
C THR A 275 5.32 33.94 -9.26
N PHE A 276 5.80 33.77 -8.03
CA PHE A 276 4.90 33.51 -6.90
C PHE A 276 4.64 34.83 -6.17
N PRO A 277 3.36 35.21 -6.09
CA PRO A 277 3.00 36.46 -5.39
C PRO A 277 3.34 36.42 -3.90
N LYS A 278 2.88 37.44 -3.18
CA LYS A 278 3.13 37.55 -1.76
C LYS A 278 2.21 36.64 -0.95
N ASP A 279 0.97 36.52 -1.41
CA ASP A 279 -0.04 35.77 -0.68
C ASP A 279 0.16 34.26 -0.79
N ALA A 280 1.09 33.86 -1.66
CA ALA A 280 1.34 32.45 -1.93
C ALA A 280 1.83 31.70 -0.69
N PRO A 281 1.33 30.47 -0.51
CA PRO A 281 1.75 29.62 0.61
C PRO A 281 3.25 29.37 0.57
N SER A 282 3.84 28.99 1.71
CA SER A 282 5.24 28.62 1.72
C SER A 282 5.35 27.28 1.02
N PRO A 283 6.55 26.98 0.48
CA PRO A 283 6.78 25.69 -0.16
C PRO A 283 6.45 24.49 0.74
N PHE A 284 5.92 23.42 0.12
CA PHE A 284 5.46 22.21 0.80
C PHE A 284 6.50 21.12 0.82
N ILE A 285 6.78 20.56 1.99
CA ILE A 285 7.58 19.36 2.09
C ILE A 285 6.65 18.21 2.49
N PHE A 286 6.54 17.22 1.61
CA PHE A 286 5.53 16.15 1.73
C PHE A 286 6.09 14.93 2.45
N LYS A 287 5.23 14.27 3.21
CA LYS A 287 5.60 13.11 4.01
C LYS A 287 5.65 11.85 3.17
N THR A 288 6.75 11.12 3.25
CA THR A 288 6.89 9.92 2.46
C THR A 288 5.92 8.86 2.99
N LEU A 289 5.68 7.83 2.19
CA LEU A 289 4.91 6.69 2.63
C LEU A 289 5.56 6.10 3.87
N GLU A 290 6.89 6.08 3.86
CA GLU A 290 7.65 5.42 4.90
C GLU A 290 7.38 6.05 6.24
N GLU A 291 7.40 7.38 6.32
CA GLU A 291 7.18 8.03 7.60
C GLU A 291 5.69 8.17 7.93
N GLN A 292 4.83 7.62 7.08
CA GLN A 292 3.42 7.42 7.40
C GLN A 292 3.19 5.97 7.88
N GLY A 293 4.27 5.18 7.94
CA GLY A 293 4.22 3.83 8.44
C GLY A 293 4.16 2.70 7.41
N LEU A 294 4.13 3.05 6.12
CA LEU A 294 3.97 2.02 5.07
C LEU A 294 5.30 1.43 4.60
N GLY B 1 6.92 -21.11 -2.07
CA GLY B 1 6.97 -20.07 -3.08
C GLY B 1 7.46 -20.60 -4.41
N SER B 2 7.31 -19.80 -5.46
CA SER B 2 7.71 -20.21 -6.80
C SER B 2 9.19 -19.90 -7.02
N ALA B 3 9.99 -20.96 -7.13
CA ALA B 3 11.43 -20.80 -7.33
C ALA B 3 11.75 -20.11 -8.66
N LYS B 4 10.90 -20.33 -9.66
CA LYS B 4 11.12 -19.76 -10.99
C LYS B 4 10.84 -18.26 -11.00
N LYS B 5 9.69 -17.89 -10.44
CA LYS B 5 9.36 -16.49 -10.29
C LYS B 5 10.46 -15.81 -9.46
N GLY B 6 10.89 -16.51 -8.41
CA GLY B 6 11.99 -16.05 -7.58
C GLY B 6 13.27 -15.85 -8.38
N ALA B 7 13.47 -16.71 -9.37
CA ALA B 7 14.63 -16.61 -10.24
C ALA B 7 14.55 -15.32 -11.06
N THR B 8 13.35 -14.99 -11.52
CA THR B 8 13.14 -13.74 -12.29
C THR B 8 13.34 -12.49 -11.43
N LEU B 9 12.86 -12.57 -10.19
CA LEU B 9 12.99 -11.45 -9.28
C LEU B 9 14.46 -11.23 -8.95
N PHE B 10 15.21 -12.31 -8.80
CA PHE B 10 16.64 -12.20 -8.53
C PHE B 10 17.38 -11.62 -9.74
N LYS B 11 17.08 -12.15 -10.91
CA LYS B 11 17.74 -11.68 -12.12
C LYS B 11 17.51 -10.19 -12.35
N THR B 12 16.30 -9.71 -12.11
CA THR B 12 16.00 -8.30 -12.37
C THR B 12 16.30 -7.34 -11.20
N ARG B 13 16.26 -7.85 -9.97
CA ARG B 13 16.39 -6.98 -8.80
C ARG B 13 17.63 -7.18 -7.92
N CYS B 14 18.33 -8.30 -8.05
CA CYS B 14 19.53 -8.54 -7.25
C CYS B 14 20.80 -8.75 -8.11
N LEU B 15 20.65 -9.44 -9.24
CA LEU B 15 21.81 -9.91 -10.03
C LEU B 15 22.85 -8.85 -10.38
N GLN B 16 22.41 -7.61 -10.56
CA GLN B 16 23.34 -6.54 -10.90
C GLN B 16 24.37 -6.36 -9.79
N CYS B 17 24.03 -6.77 -8.57
CA CYS B 17 24.94 -6.61 -7.45
C CYS B 17 25.40 -7.92 -6.80
N HIS B 18 24.76 -9.03 -7.14
CA HIS B 18 25.14 -10.31 -6.55
C HIS B 18 25.20 -11.47 -7.55
N THR B 19 26.21 -12.32 -7.39
CA THR B 19 26.18 -13.63 -8.03
C THR B 19 25.85 -14.67 -6.98
N VAL B 20 25.35 -15.83 -7.41
CA VAL B 20 24.90 -16.85 -6.47
C VAL B 20 25.78 -18.11 -6.43
N GLU B 21 26.38 -18.46 -7.55
CA GLU B 21 27.12 -19.72 -7.67
C GLU B 21 28.36 -19.75 -6.79
N LYS B 22 28.81 -20.94 -6.42
CA LYS B 22 29.97 -21.09 -5.54
C LYS B 22 31.23 -20.51 -6.16
N GLY B 23 32.04 -19.86 -5.33
CA GLY B 23 33.26 -19.22 -5.80
C GLY B 23 32.96 -18.17 -6.84
N GLY B 24 31.78 -17.55 -6.72
CA GLY B 24 31.37 -16.49 -7.63
C GLY B 24 32.01 -15.16 -7.26
N PRO B 25 32.20 -14.29 -8.26
CA PRO B 25 32.90 -13.02 -8.03
C PRO B 25 32.13 -12.09 -7.08
N HIS B 26 32.86 -11.33 -6.28
CA HIS B 26 32.25 -10.24 -5.55
C HIS B 26 31.98 -9.15 -6.57
N LYS B 27 30.84 -8.47 -6.43
CA LYS B 27 30.49 -7.35 -7.30
C LYS B 27 30.23 -6.10 -6.45
N VAL B 28 29.13 -5.41 -6.71
CA VAL B 28 28.76 -4.28 -5.86
C VAL B 28 28.62 -4.79 -4.41
N GLY B 29 27.90 -5.88 -4.25
CA GLY B 29 27.79 -6.55 -2.96
C GLY B 29 28.48 -7.89 -2.98
N PRO B 30 28.54 -8.58 -1.82
CA PRO B 30 29.25 -9.85 -1.70
C PRO B 30 28.56 -11.00 -2.44
N ASN B 31 29.33 -12.02 -2.82
CA ASN B 31 28.76 -13.25 -3.38
C ASN B 31 27.89 -13.92 -2.33
N LEU B 32 26.73 -14.42 -2.75
CA LEU B 32 25.75 -14.95 -1.80
C LEU B 32 25.74 -16.47 -1.66
N HIS B 33 26.77 -17.14 -2.16
CA HIS B 33 26.82 -18.59 -1.95
C HIS B 33 26.96 -18.88 -0.46
N GLY B 34 26.18 -19.84 0.04
CA GLY B 34 26.27 -20.25 1.42
C GLY B 34 25.69 -19.25 2.40
N ILE B 35 24.89 -18.31 1.90
CA ILE B 35 24.40 -17.21 2.71
C ILE B 35 23.55 -17.66 3.90
N PHE B 36 22.67 -18.65 3.70
CA PHE B 36 21.76 -19.06 4.76
C PHE B 36 22.48 -19.90 5.81
N GLY B 37 22.39 -19.47 7.07
CA GLY B 37 23.01 -20.21 8.15
C GLY B 37 24.47 -19.81 8.30
N ARG B 38 24.82 -18.68 7.71
CA ARG B 38 26.11 -18.05 7.97
C ARG B 38 25.88 -16.68 8.57
N HIS B 39 26.84 -16.20 9.34
CA HIS B 39 26.72 -14.90 9.98
C HIS B 39 26.87 -13.80 8.94
N SER B 40 26.12 -12.73 9.11
CA SER B 40 26.22 -11.57 8.23
C SER B 40 27.63 -10.99 8.30
N GLY B 41 28.07 -10.38 7.21
CA GLY B 41 29.35 -9.72 7.17
C GLY B 41 30.52 -10.69 7.18
N GLN B 42 30.33 -11.86 6.59
CA GLN B 42 31.33 -12.92 6.71
C GLN B 42 31.86 -13.46 5.38
N ALA B 43 31.43 -12.89 4.26
CA ALA B 43 31.95 -13.31 2.96
C ALA B 43 33.45 -13.02 2.89
N GLU B 44 34.22 -14.03 2.50
CA GLU B 44 35.66 -13.85 2.40
C GLU B 44 36.01 -12.95 1.23
N GLY B 45 36.87 -11.97 1.48
CA GLY B 45 37.32 -11.07 0.44
C GLY B 45 36.45 -9.83 0.32
N TYR B 46 35.25 -9.88 0.85
CA TYR B 46 34.36 -8.72 0.73
C TYR B 46 34.52 -7.70 1.86
N SER B 47 34.42 -6.42 1.51
CA SER B 47 34.53 -5.34 2.48
C SER B 47 33.14 -4.79 2.86
N TYR B 48 32.66 -5.18 4.04
CA TYR B 48 31.35 -4.77 4.52
C TYR B 48 31.41 -3.44 5.29
N THR B 49 30.26 -2.79 5.46
CA THR B 49 30.14 -1.70 6.42
C THR B 49 30.23 -2.33 7.81
N ASP B 50 30.60 -1.55 8.81
CA ASP B 50 30.63 -2.08 10.16
C ASP B 50 29.23 -2.42 10.66
N ALA B 51 28.23 -1.71 10.16
CA ALA B 51 26.84 -1.96 10.54
C ALA B 51 26.41 -3.40 10.21
N ASN B 52 26.84 -3.91 9.07
CA ASN B 52 26.46 -5.26 8.64
C ASN B 52 27.08 -6.32 9.55
N ILE B 53 28.35 -6.11 9.91
CA ILE B 53 29.06 -7.02 10.82
C ILE B 53 28.46 -6.95 12.25
N LYS B 54 28.25 -5.74 12.72
CA LYS B 54 27.67 -5.42 14.03
C LYS B 54 26.25 -6.02 14.20
N LYS B 55 25.49 -6.07 13.11
CA LYS B 55 24.17 -6.68 13.17
C LYS B 55 24.28 -8.12 13.65
N ASN B 56 25.31 -8.82 13.17
CA ASN B 56 25.64 -10.16 13.63
C ASN B 56 24.42 -11.06 13.76
N VAL B 57 23.97 -11.59 12.63
CA VAL B 57 22.82 -12.48 12.58
C VAL B 57 23.10 -13.67 11.64
N LEU B 58 22.78 -14.87 12.10
CA LEU B 58 22.82 -16.01 11.20
C LEU B 58 21.64 -15.84 10.26
N TRP B 59 21.93 -15.81 8.96
CA TRP B 59 20.88 -15.58 7.98
C TRP B 59 19.99 -16.80 7.86
N ASP B 60 18.68 -16.57 7.97
CA ASP B 60 17.69 -17.59 7.68
C ASP B 60 16.51 -16.97 6.94
N GLU B 61 15.46 -17.75 6.69
CA GLU B 61 14.37 -17.32 5.80
C GLU B 61 13.52 -16.17 6.36
N ASN B 62 13.34 -16.14 7.67
CA ASN B 62 12.58 -15.09 8.31
C ASN B 62 13.33 -13.76 8.36
N ASN B 63 14.55 -13.77 8.87
CA ASN B 63 15.33 -12.56 8.92
C ASN B 63 15.67 -12.06 7.52
N MET B 64 15.71 -12.96 6.56
CA MET B 64 15.96 -12.58 5.18
C MET B 64 14.74 -11.84 4.67
N SER B 65 13.55 -12.38 4.95
CA SER B 65 12.30 -11.73 4.61
C SER B 65 12.25 -10.31 5.20
N GLU B 66 12.58 -10.20 6.49
CA GLU B 66 12.59 -8.90 7.14
C GLU B 66 13.57 -7.92 6.50
N TYR B 67 14.81 -8.37 6.28
CA TYR B 67 15.85 -7.53 5.69
C TYR B 67 15.40 -7.01 4.34
N LEU B 68 14.91 -7.93 3.51
CA LEU B 68 14.57 -7.60 2.14
C LEU B 68 13.29 -6.80 2.03
N THR B 69 12.53 -6.73 3.12
CA THR B 69 11.38 -5.84 3.14
C THR B 69 11.87 -4.40 3.17
N ASN B 70 12.91 -4.15 3.94
CA ASN B 70 13.45 -2.80 4.10
C ASN B 70 14.86 -2.90 4.67
N PRO B 71 15.87 -3.04 3.80
CA PRO B 71 17.22 -3.30 4.30
C PRO B 71 17.76 -2.22 5.24
N LYS B 72 17.47 -0.95 5.02
CA LYS B 72 17.94 0.11 5.92
C LYS B 72 17.28 0.05 7.29
N LYS B 73 16.09 -0.53 7.35
CA LYS B 73 15.36 -0.64 8.62
C LYS B 73 15.93 -1.76 9.50
N TYR B 74 16.37 -2.84 8.86
CA TYR B 74 16.89 -4.00 9.58
C TYR B 74 18.36 -3.78 9.92
N ILE B 75 19.12 -3.15 9.02
CA ILE B 75 20.51 -2.80 9.30
C ILE B 75 20.75 -1.33 8.95
N PRO B 76 20.46 -0.43 9.90
CA PRO B 76 20.72 0.99 9.67
C PRO B 76 22.17 1.18 9.32
N GLY B 77 22.45 2.02 8.32
CA GLY B 77 23.81 2.29 7.90
C GLY B 77 24.35 1.31 6.88
N THR B 78 23.51 0.39 6.42
CA THR B 78 23.93 -0.55 5.40
C THR B 78 24.16 0.20 4.09
N LYS B 79 25.10 -0.28 3.28
CA LYS B 79 25.37 0.37 1.99
C LYS B 79 24.66 -0.33 0.82
N MET B 80 23.88 -1.38 1.11
CA MET B 80 23.07 -2.00 0.06
C MET B 80 21.93 -1.06 -0.34
N ALA B 81 22.07 -0.41 -1.49
CA ALA B 81 21.06 0.54 -1.95
C ALA B 81 19.91 -0.22 -2.60
N PHE B 82 18.92 -0.59 -1.80
CA PHE B 82 17.81 -1.40 -2.32
C PHE B 82 16.51 -1.01 -1.64
N GLY B 83 15.50 -0.73 -2.45
CA GLY B 83 14.26 -0.18 -1.96
C GLY B 83 13.57 -1.11 -1.00
N GLY B 84 13.36 -2.35 -1.44
CA GLY B 84 12.69 -3.32 -0.62
C GLY B 84 11.62 -4.00 -1.43
N LEU B 85 11.49 -5.31 -1.24
CA LEU B 85 10.37 -6.07 -1.78
C LEU B 85 9.18 -5.83 -0.86
N LYS B 86 8.14 -5.17 -1.35
CA LYS B 86 7.05 -4.78 -0.46
C LYS B 86 5.87 -5.75 -0.50
N LYS B 87 5.96 -6.76 -1.36
CA LYS B 87 4.90 -7.74 -1.51
C LYS B 87 5.39 -9.07 -0.94
N GLU B 88 4.73 -9.53 0.11
CA GLU B 88 5.12 -10.77 0.77
C GLU B 88 5.32 -11.93 -0.21
N LYS B 89 4.47 -12.01 -1.22
CA LYS B 89 4.56 -13.03 -2.27
C LYS B 89 5.97 -13.07 -2.88
N ASP B 90 6.43 -11.91 -3.32
CA ASP B 90 7.73 -11.78 -3.97
C ASP B 90 8.88 -12.15 -3.02
N ARG B 91 8.73 -11.85 -1.74
CA ARG B 91 9.74 -12.20 -0.75
C ARG B 91 9.80 -13.74 -0.61
N ASN B 92 8.63 -14.37 -0.55
CA ASN B 92 8.58 -15.82 -0.44
C ASN B 92 9.20 -16.49 -1.67
N ASP B 93 8.93 -15.93 -2.84
CA ASP B 93 9.42 -16.47 -4.11
C ASP B 93 10.93 -16.32 -4.25
N LEU B 94 11.41 -15.11 -4.01
CA LEU B 94 12.82 -14.79 -4.01
C LEU B 94 13.57 -15.72 -3.06
N ILE B 95 13.12 -15.79 -1.80
CA ILE B 95 13.79 -16.63 -0.82
C ILE B 95 13.74 -18.11 -1.18
N THR B 96 12.64 -18.55 -1.79
CA THR B 96 12.58 -19.91 -2.28
C THR B 96 13.69 -20.13 -3.30
N TYR B 97 13.81 -19.21 -4.26
CA TYR B 97 14.79 -19.42 -5.31
C TYR B 97 16.21 -19.37 -4.75
N LEU B 98 16.45 -18.44 -3.84
CA LEU B 98 17.77 -18.19 -3.30
C LEU B 98 18.20 -19.36 -2.42
N LYS B 99 17.21 -20.00 -1.78
CA LYS B 99 17.46 -21.19 -0.97
C LYS B 99 18.23 -22.27 -1.73
N LYS B 100 17.83 -22.54 -2.97
CA LYS B 100 18.47 -23.59 -3.77
C LYS B 100 19.61 -23.05 -4.62
N ALA B 101 19.43 -21.87 -5.17
CA ALA B 101 20.42 -21.24 -6.03
C ALA B 101 21.80 -21.17 -5.39
N CYS B 102 21.83 -20.89 -4.10
CA CYS B 102 23.11 -20.67 -3.42
C CYS B 102 23.50 -21.79 -2.46
N GLU B 103 22.97 -22.99 -2.66
CA GLU B 103 23.36 -24.12 -1.83
C GLU B 103 24.78 -24.56 -2.19
N THR C 1 -1.83 -12.17 45.96
CA THR C 1 -2.64 -12.60 47.10
C THR C 1 -4.12 -12.33 46.80
N THR C 2 -4.42 -11.05 46.60
CA THR C 2 -5.70 -10.65 46.02
C THR C 2 -5.49 -10.81 44.52
N PRO C 3 -6.58 -10.76 43.72
CA PRO C 3 -6.47 -10.85 42.26
C PRO C 3 -5.33 -10.05 41.67
N LEU C 4 -4.72 -10.57 40.60
CA LEU C 4 -3.66 -9.85 39.92
C LEU C 4 -4.21 -8.58 39.30
N VAL C 5 -3.40 -7.53 39.31
CA VAL C 5 -3.75 -6.28 38.68
C VAL C 5 -2.85 -6.09 37.48
N HIS C 6 -3.44 -5.77 36.34
CA HIS C 6 -2.63 -5.50 35.15
C HIS C 6 -2.74 -4.02 34.83
N VAL C 7 -1.66 -3.30 35.06
CA VAL C 7 -1.67 -1.85 34.89
C VAL C 7 -1.15 -1.45 33.50
N ALA C 8 -1.94 -0.65 32.80
CA ALA C 8 -1.55 -0.18 31.48
C ALA C 8 -0.26 0.64 31.62
N SER C 9 0.74 0.28 30.82
CA SER C 9 2.04 0.95 30.82
C SER C 9 2.41 1.29 29.37
N VAL C 10 2.23 2.56 29.03
CA VAL C 10 2.47 3.07 27.69
C VAL C 10 3.88 2.74 27.23
N GLU C 11 4.02 2.09 26.07
CA GLU C 11 5.33 1.84 25.49
C GLU C 11 6.22 3.08 25.48
N LYS C 12 7.49 2.88 25.81
CA LYS C 12 8.47 3.95 26.03
C LYS C 12 8.51 4.99 24.92
N GLY C 13 8.11 6.21 25.27
CA GLY C 13 8.14 7.33 24.36
C GLY C 13 7.27 7.19 23.12
N ARG C 14 6.21 6.42 23.22
CA ARG C 14 5.30 6.28 22.08
C ARG C 14 4.04 7.08 22.32
N SER C 15 3.40 7.50 21.24
CA SER C 15 2.19 8.31 21.34
C SER C 15 1.28 7.98 20.18
N TYR C 16 0.22 8.79 20.03
CA TYR C 16 -0.79 8.59 19.00
C TYR C 16 -0.25 8.32 17.61
N GLU C 17 0.75 9.10 17.19
CA GLU C 17 1.25 8.96 15.82
C GLU C 17 1.91 7.61 15.55
N ASP C 18 2.65 7.09 16.54
CA ASP C 18 3.31 5.80 16.40
C ASP C 18 2.29 4.70 16.10
N PHE C 19 1.19 4.78 16.84
CA PHE C 19 0.14 3.80 16.72
C PHE C 19 -0.67 4.00 15.44
N GLN C 20 -0.80 5.24 14.99
CA GLN C 20 -1.42 5.47 13.71
C GLN C 20 -0.58 4.80 12.62
N LYS C 21 0.74 4.82 12.80
CA LYS C 21 1.66 4.16 11.88
C LYS C 21 1.45 2.64 11.80
N VAL C 22 1.36 2.00 12.97
CA VAL C 22 1.07 0.57 13.03
C VAL C 22 -0.27 0.23 12.36
N TYR C 23 -1.27 1.03 12.70
CA TYR C 23 -2.60 0.92 12.10
C TYR C 23 -2.48 0.99 10.59
N ASN C 24 -1.73 1.96 10.10
CA ASN C 24 -1.60 2.19 8.66
C ASN C 24 -0.99 0.98 7.97
N ALA C 25 0.03 0.41 8.60
CA ALA C 25 0.71 -0.77 8.07
C ALA C 25 -0.22 -2.00 7.97
N ILE C 26 -0.90 -2.29 9.08
CA ILE C 26 -1.93 -3.32 9.09
C ILE C 26 -2.98 -3.10 8.01
N ALA C 27 -3.49 -1.88 7.95
CA ALA C 27 -4.52 -1.49 6.99
C ALA C 27 -4.09 -1.70 5.54
N LEU C 28 -2.88 -1.29 5.22
CA LEU C 28 -2.37 -1.46 3.87
C LEU C 28 -2.26 -2.93 3.54
N LYS C 29 -1.70 -3.74 4.45
CA LYS C 29 -1.62 -5.17 4.18
C LYS C 29 -3.01 -5.79 4.01
N LEU C 30 -3.97 -5.34 4.81
CA LEU C 30 -5.34 -5.84 4.70
C LEU C 30 -5.91 -5.54 3.31
N ARG C 31 -5.68 -4.32 2.85
CA ARG C 31 -6.21 -3.89 1.57
C ARG C 31 -5.52 -4.62 0.44
N GLU C 32 -4.22 -4.82 0.60
CA GLU C 32 -3.37 -5.31 -0.46
C GLU C 32 -3.43 -6.82 -0.67
N ASP C 33 -3.76 -7.55 0.40
CA ASP C 33 -3.81 -9.02 0.35
C ASP C 33 -5.25 -9.52 0.23
N ASP C 34 -5.91 -9.16 -0.85
CA ASP C 34 -7.33 -9.41 -1.02
C ASP C 34 -7.71 -10.87 -1.37
N GLU C 35 -6.74 -11.68 -1.79
CA GLU C 35 -7.06 -13.04 -2.27
C GLU C 35 -7.34 -14.09 -1.18
N TYR C 36 -6.81 -13.86 0.02
CA TYR C 36 -6.90 -14.82 1.11
C TYR C 36 -8.31 -15.36 1.36
N ASP C 37 -8.40 -16.68 1.53
CA ASP C 37 -9.67 -17.36 1.81
C ASP C 37 -10.73 -16.98 0.79
N ASN C 38 -10.42 -17.23 -0.48
CA ASN C 38 -11.35 -16.99 -1.58
C ASN C 38 -11.87 -15.56 -1.62
N TYR C 39 -10.96 -14.62 -1.38
CA TYR C 39 -11.21 -13.19 -1.58
C TYR C 39 -12.08 -12.57 -0.50
N ILE C 40 -12.16 -13.23 0.65
CA ILE C 40 -12.74 -12.61 1.82
C ILE C 40 -11.74 -11.58 2.36
N GLY C 41 -10.45 -11.85 2.20
CA GLY C 41 -9.44 -10.96 2.75
C GLY C 41 -9.17 -11.32 4.19
N TYR C 42 -8.28 -10.58 4.85
CA TYR C 42 -7.90 -10.94 6.21
C TYR C 42 -8.72 -10.31 7.31
N GLY C 43 -9.67 -9.45 6.96
CA GLY C 43 -10.41 -8.71 7.98
C GLY C 43 -11.13 -9.57 9.02
N PRO C 44 -11.99 -10.49 8.55
CA PRO C 44 -12.73 -11.32 9.50
C PRO C 44 -11.84 -12.10 10.47
N VAL C 45 -10.81 -12.81 9.98
CA VAL C 45 -9.91 -13.52 10.88
C VAL C 45 -9.23 -12.59 11.87
N LEU C 46 -8.96 -11.35 11.48
CA LEU C 46 -8.31 -10.42 12.40
C LEU C 46 -9.27 -10.01 13.53
N VAL C 47 -10.53 -9.81 13.17
CA VAL C 47 -11.56 -9.50 14.19
C VAL C 47 -11.74 -10.68 15.15
N ARG C 48 -11.86 -11.87 14.58
CA ARG C 48 -11.97 -13.06 15.39
C ARG C 48 -10.76 -13.22 16.31
N LEU C 49 -9.57 -12.90 15.80
CA LEU C 49 -8.39 -13.05 16.63
C LEU C 49 -8.45 -12.11 17.83
N ALA C 50 -8.82 -10.85 17.60
CA ALA C 50 -8.93 -9.89 18.69
C ALA C 50 -9.92 -10.40 19.76
N TRP C 51 -11.08 -10.84 19.30
CA TRP C 51 -12.10 -11.39 20.19
C TRP C 51 -11.56 -12.59 20.99
N HIS C 52 -10.93 -13.55 20.33
CA HIS C 52 -10.41 -14.73 21.02
C HIS C 52 -9.25 -14.50 21.99
N ILE C 53 -8.34 -13.59 21.66
CA ILE C 53 -7.31 -13.30 22.65
C ILE C 53 -7.95 -12.56 23.81
N SER C 54 -9.09 -11.92 23.58
CA SER C 54 -9.75 -11.23 24.69
C SER C 54 -10.75 -12.07 25.49
N GLY C 55 -11.40 -13.02 24.81
CA GLY C 55 -12.51 -13.76 25.40
C GLY C 55 -12.12 -14.83 26.42
N THR C 56 -10.83 -14.98 26.66
CA THR C 56 -10.33 -15.89 27.66
C THR C 56 -10.36 -15.27 29.05
N TRP C 57 -10.75 -14.00 29.14
CA TRP C 57 -10.74 -13.30 30.42
C TRP C 57 -11.77 -13.86 31.41
N ASP C 58 -11.35 -14.09 32.65
CA ASP C 58 -12.27 -14.48 33.70
C ASP C 58 -12.29 -13.34 34.72
N LYS C 59 -13.40 -12.64 34.81
CA LYS C 59 -13.54 -11.53 35.76
C LYS C 59 -13.35 -11.95 37.22
N HIS C 60 -13.49 -13.25 37.51
CA HIS C 60 -13.46 -13.67 38.92
C HIS C 60 -12.06 -13.59 39.54
N ASP C 61 -11.04 -13.79 38.71
CA ASP C 61 -9.67 -13.76 39.22
C ASP C 61 -8.72 -12.98 38.33
N ASN C 62 -9.27 -12.32 37.32
CA ASN C 62 -8.48 -11.52 36.39
C ASN C 62 -7.40 -12.30 35.61
N THR C 63 -7.64 -13.58 35.36
CA THR C 63 -6.75 -14.37 34.49
C THR C 63 -7.19 -14.20 33.04
N GLY C 64 -6.35 -14.62 32.10
CA GLY C 64 -6.66 -14.41 30.69
C GLY C 64 -6.81 -12.95 30.33
N GLY C 65 -7.54 -12.68 29.25
CA GLY C 65 -7.64 -11.32 28.74
C GLY C 65 -6.53 -10.94 27.78
N SER C 66 -6.71 -9.82 27.08
CA SER C 66 -5.79 -9.37 26.03
C SER C 66 -4.44 -8.86 26.54
N TYR C 67 -4.35 -8.58 27.84
CA TYR C 67 -3.24 -7.80 28.38
C TYR C 67 -1.89 -8.48 28.19
N GLY C 68 -1.84 -9.78 28.50
CA GLY C 68 -0.59 -10.50 28.55
C GLY C 68 -0.02 -10.91 27.21
N GLY C 69 -0.83 -10.79 26.14
CA GLY C 69 -0.42 -11.22 24.81
C GLY C 69 -0.08 -12.70 24.71
N THR C 70 -0.80 -13.53 25.48
CA THR C 70 -0.40 -14.93 25.70
C THR C 70 -0.70 -15.87 24.53
N TYR C 71 -1.54 -15.46 23.60
CA TYR C 71 -1.79 -16.22 22.37
C TYR C 71 -0.49 -16.68 21.67
N ARG C 72 0.62 -15.97 21.92
CA ARG C 72 1.89 -16.30 21.28
C ARG C 72 2.51 -17.59 21.82
N PHE C 73 1.96 -18.14 22.89
CA PHE C 73 2.48 -19.42 23.39
C PHE C 73 1.71 -20.62 22.87
N LYS C 74 2.40 -21.74 22.69
CA LYS C 74 1.82 -22.91 22.02
C LYS C 74 0.51 -23.42 22.62
N LYS C 75 0.35 -23.30 23.94
CA LYS C 75 -0.84 -23.83 24.60
C LYS C 75 -2.11 -23.12 24.15
N GLU C 76 -2.02 -21.81 23.99
CA GLU C 76 -3.19 -21.01 23.59
C GLU C 76 -3.33 -20.99 22.08
N PHE C 77 -2.17 -20.99 21.42
CA PHE C 77 -2.05 -21.08 19.97
C PHE C 77 -2.72 -22.35 19.46
N ASN C 78 -2.53 -23.45 20.19
CA ASN C 78 -3.03 -24.76 19.75
C ASN C 78 -4.40 -25.15 20.30
N ASP C 79 -5.09 -24.22 20.96
CA ASP C 79 -6.46 -24.41 21.44
C ASP C 79 -7.35 -24.80 20.26
N PRO C 80 -8.06 -25.95 20.35
CA PRO C 80 -9.03 -26.33 19.30
C PRO C 80 -10.00 -25.21 18.94
N SER C 81 -10.33 -24.34 19.91
CA SER C 81 -11.21 -23.20 19.67
C SER C 81 -10.54 -22.08 18.87
N ASN C 82 -9.21 -22.05 18.84
CA ASN C 82 -8.45 -21.07 18.09
C ASN C 82 -7.98 -21.56 16.71
N ALA C 83 -8.46 -22.70 16.26
CA ALA C 83 -8.04 -23.25 14.96
C ALA C 83 -8.40 -22.25 13.87
N GLY C 84 -7.45 -21.96 12.99
CA GLY C 84 -7.63 -20.96 11.95
C GLY C 84 -7.00 -19.61 12.24
N LEU C 85 -6.78 -19.27 13.51
CA LEU C 85 -6.29 -17.92 13.87
C LEU C 85 -4.80 -17.72 13.59
N GLN C 86 -4.10 -18.83 13.38
CA GLN C 86 -2.71 -18.81 13.03
C GLN C 86 -2.52 -17.94 11.76
N ASN C 87 -3.52 -17.92 10.89
CA ASN C 87 -3.49 -17.09 9.69
C ASN C 87 -3.39 -15.60 10.03
N GLY C 88 -4.14 -15.17 11.03
CA GLY C 88 -4.10 -13.79 11.50
C GLY C 88 -2.81 -13.50 12.22
N PHE C 89 -2.31 -14.49 12.97
CA PHE C 89 -1.03 -14.33 13.64
C PHE C 89 0.07 -14.11 12.59
N LYS C 90 0.11 -14.96 11.58
CA LYS C 90 1.09 -14.86 10.53
C LYS C 90 0.91 -13.59 9.67
N PHE C 91 -0.32 -13.08 9.62
CA PHE C 91 -0.59 -11.80 8.94
C PHE C 91 0.12 -10.70 9.70
N LEU C 92 0.02 -10.74 11.02
CA LEU C 92 0.57 -9.66 11.86
C LEU C 92 2.08 -9.75 12.13
N GLU C 93 2.66 -10.93 12.03
CA GLU C 93 4.10 -11.07 12.26
C GLU C 93 5.01 -10.04 11.57
N PRO C 94 4.80 -9.75 10.27
CA PRO C 94 5.72 -8.78 9.67
C PRO C 94 5.44 -7.35 10.15
N ILE C 95 4.21 -7.12 10.59
CA ILE C 95 3.88 -5.86 11.26
C ILE C 95 4.71 -5.75 12.52
N HIS C 96 4.74 -6.83 13.32
CA HIS C 96 5.53 -6.86 14.55
C HIS C 96 7.03 -6.59 14.29
N LYS C 97 7.58 -7.10 13.19
CA LYS C 97 8.97 -6.82 12.80
C LYS C 97 9.20 -5.35 12.43
N GLU C 98 8.25 -4.75 11.72
CA GLU C 98 8.36 -3.35 11.38
C GLU C 98 8.34 -2.48 12.65
N PHE C 99 7.56 -2.91 13.63
CA PHE C 99 7.33 -2.13 14.85
C PHE C 99 7.57 -2.98 16.10
N PRO C 100 8.83 -3.39 16.37
CA PRO C 100 9.13 -4.36 17.42
C PRO C 100 8.84 -3.88 18.84
N TRP C 101 8.74 -2.57 19.01
CA TRP C 101 8.43 -1.98 20.31
C TRP C 101 6.96 -2.22 20.76
N ILE C 102 6.10 -2.60 19.84
CA ILE C 102 4.69 -2.84 20.21
C ILE C 102 4.56 -4.18 20.95
N SER C 103 3.79 -4.20 22.03
CA SER C 103 3.57 -5.46 22.75
C SER C 103 2.62 -6.32 21.94
N SER C 104 2.64 -7.63 22.20
CA SER C 104 1.80 -8.56 21.45
C SER C 104 0.31 -8.28 21.65
N GLY C 105 -0.08 -7.96 22.88
CA GLY C 105 -1.49 -7.71 23.16
C GLY C 105 -2.01 -6.45 22.46
N ASP C 106 -1.19 -5.42 22.52
CA ASP C 106 -1.51 -4.19 21.80
C ASP C 106 -1.68 -4.52 20.32
N LEU C 107 -0.74 -5.27 19.76
CA LEU C 107 -0.79 -5.57 18.33
C LEU C 107 -2.05 -6.36 17.96
N PHE C 108 -2.33 -7.41 18.72
CA PHE C 108 -3.49 -8.26 18.42
C PHE C 108 -4.79 -7.47 18.46
N SER C 109 -4.96 -6.62 19.48
CA SER C 109 -6.21 -5.88 19.63
C SER C 109 -6.32 -4.77 18.58
N LEU C 110 -5.20 -4.14 18.30
CA LEU C 110 -5.10 -3.15 17.23
C LEU C 110 -5.48 -3.76 15.87
N GLY C 111 -5.11 -5.00 15.63
CA GLY C 111 -5.51 -5.67 14.39
C GLY C 111 -7.02 -5.77 14.19
N GLY C 112 -7.72 -6.09 15.27
CA GLY C 112 -9.18 -6.10 15.24
C GLY C 112 -9.78 -4.72 15.05
N VAL C 113 -9.34 -3.75 15.84
CA VAL C 113 -9.81 -2.37 15.64
C VAL C 113 -9.60 -1.89 14.19
N THR C 114 -8.41 -2.15 13.68
CA THR C 114 -8.07 -1.73 12.32
C THR C 114 -8.98 -2.39 11.32
N ALA C 115 -9.10 -3.72 11.41
CA ALA C 115 -9.96 -4.48 10.50
C ALA C 115 -11.39 -3.97 10.51
N VAL C 116 -11.95 -3.78 11.69
CA VAL C 116 -13.32 -3.30 11.78
C VAL C 116 -13.47 -1.99 11.02
N GLN C 117 -12.58 -1.04 11.32
CA GLN C 117 -12.67 0.27 10.67
C GLN C 117 -12.46 0.22 9.15
N GLU C 118 -11.53 -0.60 8.69
CA GLU C 118 -11.19 -0.61 7.28
C GLU C 118 -12.32 -1.25 6.48
N MET C 119 -13.02 -2.18 7.14
CA MET C 119 -14.20 -2.81 6.54
C MET C 119 -15.44 -1.95 6.66
N GLN C 120 -15.24 -0.65 6.88
CA GLN C 120 -16.28 0.38 6.88
C GLN C 120 -17.19 0.28 8.10
N GLY C 121 -16.64 -0.24 9.18
CA GLY C 121 -17.36 -0.35 10.45
C GLY C 121 -17.23 0.96 11.21
N PRO C 122 -17.69 0.99 12.47
CA PRO C 122 -17.64 2.24 13.21
C PRO C 122 -16.23 2.51 13.71
N LYS C 123 -15.94 3.77 14.05
CA LYS C 123 -14.72 4.08 14.76
C LYS C 123 -14.75 3.36 16.10
N ILE C 124 -13.61 2.88 16.55
CA ILE C 124 -13.51 2.16 17.81
C ILE C 124 -12.35 2.73 18.63
N PRO C 125 -12.65 3.49 19.69
CA PRO C 125 -11.57 3.95 20.54
C PRO C 125 -10.69 2.80 21.04
N TRP C 126 -9.39 3.03 21.04
CA TRP C 126 -8.42 2.00 21.37
C TRP C 126 -7.39 2.59 22.32
N ARG C 127 -6.89 1.78 23.23
CA ARG C 127 -5.93 2.23 24.23
C ARG C 127 -4.68 1.37 24.26
N CYS C 128 -3.52 2.00 24.34
CA CYS C 128 -2.27 1.25 24.44
C CYS C 128 -1.95 0.88 25.89
N GLY C 129 -0.84 0.20 26.09
CA GLY C 129 -0.37 -0.08 27.44
C GLY C 129 -0.35 -1.53 27.89
N ARG C 130 -0.84 -2.46 27.08
CA ARG C 130 -0.77 -3.86 27.44
C ARG C 130 0.70 -4.31 27.44
N VAL C 131 1.04 -5.25 28.31
CA VAL C 131 2.44 -5.66 28.49
C VAL C 131 2.55 -7.18 28.40
N ASP C 132 3.53 -7.67 27.64
CA ASP C 132 3.71 -9.11 27.48
C ASP C 132 4.03 -9.77 28.82
N THR C 133 3.35 -10.89 29.11
CA THR C 133 3.54 -11.60 30.37
C THR C 133 4.09 -13.00 30.14
N PRO C 134 4.70 -13.60 31.18
CA PRO C 134 5.35 -14.91 31.02
C PRO C 134 4.42 -16.05 30.58
N GLU C 135 5.03 -17.17 30.18
CA GLU C 135 4.33 -18.34 29.66
C GLU C 135 3.45 -19.05 30.69
N ASP C 136 3.74 -18.91 31.97
CA ASP C 136 2.89 -19.54 32.99
C ASP C 136 1.64 -18.71 33.32
N THR C 137 1.48 -17.57 32.65
CA THR C 137 0.30 -16.73 32.85
C THR C 137 -0.78 -17.03 31.83
N THR C 138 -0.49 -17.96 30.94
CA THR C 138 -1.41 -18.27 29.83
C THR C 138 -2.52 -19.20 30.27
N PRO C 139 -3.77 -18.82 29.93
CA PRO C 139 -4.95 -19.53 30.42
C PRO C 139 -5.08 -20.86 29.73
N ASP C 140 -5.55 -21.88 30.44
CA ASP C 140 -5.82 -23.19 29.89
C ASP C 140 -6.92 -23.09 28.83
N ASN C 141 -6.89 -24.01 27.87
CA ASN C 141 -7.96 -24.12 26.89
C ASN C 141 -9.33 -24.34 27.59
N GLY C 142 -10.41 -24.06 26.86
CA GLY C 142 -11.75 -24.31 27.35
C GLY C 142 -12.55 -23.07 27.69
N ARG C 143 -11.94 -21.88 27.56
CA ARG C 143 -12.56 -20.63 28.03
C ARG C 143 -13.43 -19.89 27.01
N LEU C 144 -13.27 -20.22 25.74
CA LEU C 144 -14.06 -19.61 24.68
C LEU C 144 -15.36 -20.39 24.50
N PRO C 145 -16.43 -19.72 24.04
CA PRO C 145 -17.76 -20.33 24.02
C PRO C 145 -17.93 -21.41 22.98
N ASP C 146 -18.79 -22.36 23.33
CA ASP C 146 -19.19 -23.42 22.44
C ASP C 146 -20.31 -22.89 21.56
N ALA C 147 -20.39 -23.40 20.33
CA ALA C 147 -21.33 -22.85 19.36
C ALA C 147 -22.62 -23.61 19.27
N ASP C 148 -22.64 -24.83 19.80
CA ASP C 148 -23.84 -25.65 19.71
C ASP C 148 -24.68 -25.43 20.96
N LYS C 149 -25.02 -24.18 21.24
CA LYS C 149 -25.69 -23.87 22.50
C LYS C 149 -26.92 -22.98 22.36
N ASP C 150 -27.63 -22.75 23.46
CA ASP C 150 -28.84 -21.94 23.41
C ASP C 150 -28.59 -20.55 24.01
N ALA C 151 -29.65 -19.75 24.08
CA ALA C 151 -29.56 -18.37 24.57
C ALA C 151 -29.07 -18.32 26.01
N GLY C 152 -29.62 -19.19 26.85
CA GLY C 152 -29.25 -19.24 28.27
C GLY C 152 -27.76 -19.45 28.48
N TYR C 153 -27.19 -20.36 27.70
CA TYR C 153 -25.76 -20.60 27.73
C TYR C 153 -25.00 -19.34 27.33
N VAL C 154 -25.50 -18.63 26.32
CA VAL C 154 -24.81 -17.44 25.81
C VAL C 154 -24.81 -16.35 26.90
N ARG C 155 -25.99 -16.07 27.43
CA ARG C 155 -26.17 -15.08 28.49
C ARG C 155 -25.20 -15.32 29.65
N THR C 156 -25.24 -16.57 30.13
CA THR C 156 -24.46 -16.93 31.29
C THR C 156 -22.97 -16.88 30.98
N PHE C 157 -22.59 -17.37 29.81
CA PHE C 157 -21.20 -17.36 29.44
C PHE C 157 -20.64 -15.95 29.49
N PHE C 158 -21.42 -15.01 28.94
CA PHE C 158 -20.97 -13.63 28.82
C PHE C 158 -20.95 -12.85 30.12
N GLN C 159 -21.71 -13.30 31.11
CA GLN C 159 -21.52 -12.79 32.47
C GLN C 159 -20.05 -12.81 32.92
N ARG C 160 -19.31 -13.84 32.54
CA ARG C 160 -17.90 -13.97 32.92
C ARG C 160 -17.01 -12.84 32.39
N LEU C 161 -17.43 -12.29 31.24
CA LEU C 161 -16.69 -11.21 30.56
C LEU C 161 -17.31 -9.86 30.92
N ASN C 162 -18.23 -9.89 31.88
CA ASN C 162 -18.90 -8.69 32.31
C ASN C 162 -19.79 -8.07 31.24
N MET C 163 -20.28 -8.87 30.30
CA MET C 163 -21.17 -8.35 29.24
C MET C 163 -22.64 -8.61 29.54
N ASN C 164 -23.48 -7.61 29.31
CA ASN C 164 -24.93 -7.72 29.48
C ASN C 164 -25.65 -8.03 28.17
N ASP C 165 -26.97 -7.99 28.18
CA ASP C 165 -27.78 -8.30 26.99
C ASP C 165 -27.48 -7.46 25.74
N ARG C 166 -27.41 -6.13 25.89
CA ARG C 166 -27.15 -5.25 24.74
C ARG C 166 -25.76 -5.49 24.21
N GLU C 167 -24.82 -5.64 25.13
CA GLU C 167 -23.43 -5.88 24.78
C GLU C 167 -23.21 -7.18 24.01
N VAL C 168 -23.90 -8.24 24.44
CA VAL C 168 -23.82 -9.52 23.75
C VAL C 168 -24.42 -9.42 22.37
N VAL C 169 -25.63 -8.88 22.31
CA VAL C 169 -26.30 -8.77 21.02
C VAL C 169 -25.48 -7.93 20.04
N ALA C 170 -24.87 -6.85 20.53
CA ALA C 170 -24.03 -5.97 19.72
C ALA C 170 -22.79 -6.71 19.22
N LEU C 171 -22.04 -7.29 20.15
CA LEU C 171 -20.83 -8.06 19.82
C LEU C 171 -21.04 -9.19 18.78
N MET C 172 -22.14 -9.93 18.90
CA MET C 172 -22.43 -11.03 17.96
C MET C 172 -22.65 -10.54 16.54
N GLY C 173 -22.93 -9.24 16.41
CA GLY C 173 -23.10 -8.63 15.11
C GLY C 173 -21.86 -8.81 14.25
N ALA C 174 -20.75 -9.15 14.88
CA ALA C 174 -19.50 -9.36 14.15
C ALA C 174 -19.66 -10.54 13.20
N HIS C 175 -20.71 -11.34 13.41
CA HIS C 175 -21.02 -12.40 12.47
C HIS C 175 -21.61 -11.93 11.16
N ALA C 176 -21.55 -10.63 10.90
CA ALA C 176 -21.79 -10.18 9.55
C ALA C 176 -20.56 -10.57 8.71
N LEU C 177 -19.44 -10.84 9.39
CA LEU C 177 -18.13 -10.99 8.75
C LEU C 177 -17.63 -12.42 8.63
N GLY C 178 -17.08 -12.76 7.47
CA GLY C 178 -16.45 -14.05 7.27
C GLY C 178 -17.38 -15.25 7.25
N LYS C 179 -16.87 -16.41 7.67
CA LYS C 179 -17.59 -17.68 7.52
C LYS C 179 -17.10 -18.75 8.49
N THR C 180 -17.77 -19.90 8.47
CA THR C 180 -17.28 -21.06 9.17
C THR C 180 -16.60 -21.99 8.18
N HIS C 181 -15.50 -22.58 8.64
CA HIS C 181 -14.69 -23.50 7.87
C HIS C 181 -14.79 -24.86 8.54
N LEU C 182 -15.21 -25.86 7.77
CA LEU C 182 -15.44 -27.20 8.31
C LEU C 182 -14.23 -27.72 9.09
N LYS C 183 -13.08 -27.62 8.45
CA LYS C 183 -11.81 -28.09 9.03
C LYS C 183 -11.50 -27.43 10.35
N ASN C 184 -12.04 -26.24 10.57
CA ASN C 184 -11.72 -25.46 11.77
C ASN C 184 -12.64 -25.74 12.97
N SER C 185 -13.95 -25.75 12.71
CA SER C 185 -14.92 -25.68 13.79
C SER C 185 -16.03 -26.67 13.64
N GLY C 186 -16.02 -27.47 12.58
CA GLY C 186 -17.10 -28.41 12.35
C GLY C 186 -18.38 -27.77 11.85
N TYR C 187 -18.26 -26.52 11.41
CA TYR C 187 -19.35 -25.80 10.76
C TYR C 187 -18.84 -25.23 9.42
N GLU C 188 -19.72 -25.09 8.43
CA GLU C 188 -19.31 -24.61 7.12
C GLU C 188 -20.32 -23.68 6.46
N GLY C 189 -19.83 -22.56 5.94
CA GLY C 189 -20.66 -21.68 5.15
C GLY C 189 -20.47 -20.24 5.56
N PRO C 190 -20.70 -19.33 4.61
CA PRO C 190 -20.61 -17.89 4.86
C PRO C 190 -21.78 -17.47 5.72
N PHE C 191 -21.54 -16.47 6.57
CA PHE C 191 -22.55 -15.98 7.50
C PHE C 191 -23.56 -15.10 6.78
N GLY C 192 -23.05 -14.33 5.82
CA GLY C 192 -23.88 -13.32 5.17
C GLY C 192 -23.52 -13.19 3.71
N ALA C 193 -23.92 -12.08 3.09
CA ALA C 193 -23.59 -11.83 1.69
C ALA C 193 -22.37 -10.89 1.55
N ALA C 194 -22.31 -9.85 2.37
CA ALA C 194 -21.13 -8.98 2.40
C ALA C 194 -20.14 -9.52 3.42
N ASN C 195 -19.16 -10.25 2.93
CA ASN C 195 -18.28 -11.00 3.83
C ASN C 195 -17.24 -10.19 4.57
N ASN C 196 -16.90 -9.03 4.00
CA ASN C 196 -15.80 -8.22 4.49
C ASN C 196 -16.14 -6.74 4.41
N VAL C 197 -17.42 -6.45 4.60
CA VAL C 197 -17.89 -5.10 4.79
C VAL C 197 -18.80 -5.13 6.01
N PHE C 198 -18.51 -4.25 6.97
CA PHE C 198 -19.18 -4.32 8.27
C PHE C 198 -20.51 -3.61 8.24
N THR C 199 -21.60 -4.37 8.33
CA THR C 199 -22.95 -3.80 8.35
C THR C 199 -23.83 -4.46 9.42
N ASN C 200 -25.10 -4.03 9.50
CA ASN C 200 -26.06 -4.66 10.41
C ASN C 200 -26.75 -5.88 9.77
N GLU C 201 -26.15 -6.45 8.73
CA GLU C 201 -26.87 -7.43 7.95
C GLU C 201 -27.11 -8.73 8.73
N PHE C 202 -26.30 -8.98 9.75
CA PHE C 202 -26.50 -10.10 10.65
C PHE C 202 -27.92 -10.07 11.21
N TYR C 203 -28.33 -8.93 11.75
CA TYR C 203 -29.65 -8.81 12.34
C TYR C 203 -30.79 -8.94 11.33
N LEU C 204 -30.65 -8.20 10.24
CA LEU C 204 -31.62 -8.27 9.15
C LEU C 204 -31.81 -9.69 8.68
N ASN C 205 -30.73 -10.31 8.22
CA ASN C 205 -30.77 -11.70 7.78
C ASN C 205 -31.39 -12.63 8.83
N LEU C 206 -31.03 -12.44 10.09
CA LEU C 206 -31.66 -13.23 11.17
C LEU C 206 -33.17 -13.15 11.10
N LEU C 207 -33.66 -11.94 10.82
CA LEU C 207 -35.10 -11.68 10.83
C LEU C 207 -35.87 -12.05 9.57
N ASN C 208 -35.19 -11.94 8.43
CA ASN C 208 -35.87 -11.93 7.13
C ASN C 208 -35.61 -13.16 6.29
N GLU C 209 -34.50 -13.83 6.56
CA GLU C 209 -34.15 -15.01 5.80
C GLU C 209 -34.98 -16.19 6.32
N ASP C 210 -35.18 -17.19 5.48
CA ASP C 210 -35.90 -18.39 5.87
C ASP C 210 -34.93 -19.49 6.25
N TRP C 211 -34.86 -19.79 7.54
CA TRP C 211 -33.82 -20.65 8.06
C TRP C 211 -34.32 -22.08 8.27
N LYS C 212 -33.49 -23.04 7.87
CA LYS C 212 -33.76 -24.47 8.08
C LYS C 212 -32.62 -25.19 8.82
N LEU C 213 -32.96 -25.84 9.92
CA LEU C 213 -31.98 -26.55 10.73
C LEU C 213 -31.58 -27.85 10.04
N GLU C 214 -30.32 -27.97 9.64
CA GLU C 214 -29.86 -29.23 9.08
C GLU C 214 -28.47 -29.66 9.53
N LYS C 215 -28.18 -30.95 9.35
CA LYS C 215 -26.88 -31.50 9.63
C LYS C 215 -25.89 -31.10 8.54
N ASN C 216 -24.70 -30.64 8.93
CA ASN C 216 -23.65 -30.41 7.95
C ASN C 216 -22.78 -31.65 7.72
N ASP C 217 -21.65 -31.49 7.05
CA ASP C 217 -20.76 -32.62 6.74
C ASP C 217 -20.02 -33.24 7.93
N ALA C 218 -20.07 -32.59 9.09
CA ALA C 218 -19.41 -33.09 10.29
C ALA C 218 -20.43 -33.61 11.29
N ASN C 219 -21.70 -33.62 10.88
CA ASN C 219 -22.84 -34.04 11.71
C ASN C 219 -23.29 -33.05 12.75
N ASN C 220 -22.64 -31.90 12.82
CA ASN C 220 -23.18 -30.84 13.64
C ASN C 220 -24.37 -30.26 12.93
N GLU C 221 -25.34 -29.76 13.69
CA GLU C 221 -26.47 -29.11 13.09
C GLU C 221 -26.21 -27.61 13.00
N GLN C 222 -26.75 -26.97 11.97
CA GLN C 222 -26.60 -25.54 11.80
C GLN C 222 -27.87 -25.02 11.12
N TRP C 223 -28.07 -23.70 11.12
CA TRP C 223 -29.24 -23.15 10.47
C TRP C 223 -28.79 -22.63 9.11
N ASP C 224 -29.46 -23.06 8.04
CA ASP C 224 -29.10 -22.66 6.69
C ASP C 224 -30.24 -21.94 5.98
N SER C 225 -29.91 -20.91 5.21
CA SER C 225 -30.95 -20.28 4.42
C SER C 225 -30.89 -20.76 2.98
N LYS C 226 -31.95 -20.46 2.24
CA LYS C 226 -31.99 -20.75 0.82
C LYS C 226 -31.01 -19.82 0.09
N SER C 227 -30.68 -18.70 0.73
CA SER C 227 -29.71 -17.73 0.21
C SER C 227 -28.30 -18.28 0.25
N GLY C 228 -28.09 -19.29 1.09
CA GLY C 228 -26.81 -19.97 1.12
C GLY C 228 -25.96 -19.48 2.26
N TYR C 229 -26.60 -18.80 3.20
CA TYR C 229 -25.94 -18.38 4.41
C TYR C 229 -26.14 -19.48 5.43
N MET C 230 -25.39 -19.40 6.52
CA MET C 230 -25.60 -20.26 7.67
C MET C 230 -25.53 -19.47 8.97
N MET C 231 -26.17 -19.97 10.01
CA MET C 231 -26.05 -19.39 11.34
C MET C 231 -25.73 -20.53 12.30
N LEU C 232 -24.87 -20.27 13.29
CA LEU C 232 -24.63 -21.22 14.37
C LEU C 232 -25.86 -21.31 15.26
N PRO C 233 -25.99 -22.41 16.02
CA PRO C 233 -27.13 -22.42 16.95
C PRO C 233 -27.10 -21.24 17.94
N THR C 234 -25.93 -20.88 18.44
CA THR C 234 -25.83 -19.75 19.37
C THR C 234 -26.27 -18.43 18.75
N ASP C 235 -25.92 -18.23 17.46
CA ASP C 235 -26.41 -17.12 16.67
C ASP C 235 -27.94 -17.12 16.60
N TYR C 236 -28.50 -18.26 16.16
CA TYR C 236 -29.93 -18.37 15.96
C TYR C 236 -30.72 -18.16 17.27
N SER C 237 -30.07 -18.45 18.38
CA SER C 237 -30.74 -18.39 19.67
C SER C 237 -31.02 -16.95 20.07
N LEU C 238 -30.41 -16.00 19.36
CA LEU C 238 -30.70 -14.60 19.59
C LEU C 238 -32.11 -14.22 19.11
N ILE C 239 -32.72 -15.04 18.25
CA ILE C 239 -34.11 -14.79 17.91
C ILE C 239 -35.07 -15.81 18.52
N GLN C 240 -34.55 -16.67 19.39
CA GLN C 240 -35.40 -17.59 20.16
C GLN C 240 -35.66 -17.06 21.58
N ASP C 241 -34.75 -16.22 22.08
CA ASP C 241 -34.92 -15.54 23.37
C ASP C 241 -35.61 -14.19 23.14
N PRO C 242 -36.72 -13.92 23.84
CA PRO C 242 -37.47 -12.66 23.70
C PRO C 242 -36.65 -11.38 23.95
N LYS C 243 -35.85 -11.39 25.02
CA LYS C 243 -35.00 -10.25 25.37
C LYS C 243 -33.94 -9.97 24.30
N TYR C 244 -33.32 -11.04 23.80
CA TYR C 244 -32.35 -10.89 22.72
C TYR C 244 -33.06 -10.42 21.45
N LEU C 245 -34.18 -11.06 21.10
CA LEU C 245 -34.96 -10.69 19.91
C LEU C 245 -35.34 -9.20 19.87
N SER C 246 -35.69 -8.63 21.02
CA SER C 246 -35.95 -7.20 21.07
C SER C 246 -34.77 -6.37 20.55
N ILE C 247 -33.59 -6.64 21.10
CA ILE C 247 -32.38 -5.88 20.82
C ILE C 247 -31.99 -6.08 19.36
N VAL C 248 -32.13 -7.33 18.91
CA VAL C 248 -31.92 -7.67 17.51
C VAL C 248 -32.79 -6.86 16.56
N LYS C 249 -34.10 -6.81 16.83
CA LYS C 249 -35.02 -6.01 16.03
C LYS C 249 -34.57 -4.55 15.99
N GLU C 250 -34.15 -4.06 17.15
CA GLU C 250 -33.64 -2.69 17.22
C GLU C 250 -32.46 -2.48 16.28
N TYR C 251 -31.44 -3.33 16.37
CA TYR C 251 -30.24 -3.15 15.54
C TYR C 251 -30.51 -3.36 14.07
N ALA C 252 -31.47 -4.22 13.75
CA ALA C 252 -31.88 -4.43 12.36
C ALA C 252 -32.52 -3.15 11.85
N ASN C 253 -33.16 -2.42 12.75
CA ASN C 253 -33.87 -1.20 12.38
C ASN C 253 -32.99 0.05 12.24
N ASP C 254 -31.84 0.03 12.92
CA ASP C 254 -31.04 1.25 13.14
C ASP C 254 -29.56 0.91 13.25
N GLN C 255 -28.87 0.95 12.11
CA GLN C 255 -27.45 0.56 12.05
C GLN C 255 -26.58 1.55 12.83
N ASP C 256 -27.01 2.81 12.91
CA ASP C 256 -26.24 3.79 13.65
C ASP C 256 -26.13 3.37 15.14
N LYS C 257 -27.26 3.02 15.73
CA LYS C 257 -27.30 2.56 17.12
C LYS C 257 -26.45 1.31 17.28
N PHE C 258 -26.55 0.43 16.31
CA PHE C 258 -25.79 -0.81 16.41
C PHE C 258 -24.30 -0.50 16.40
N PHE C 259 -23.89 0.41 15.53
CA PHE C 259 -22.50 0.83 15.43
C PHE C 259 -22.00 1.41 16.76
N LYS C 260 -22.79 2.28 17.38
CA LYS C 260 -22.38 2.88 18.64
C LYS C 260 -22.21 1.82 19.72
N ASP C 261 -23.21 0.96 19.81
CA ASP C 261 -23.20 -0.08 20.82
C ASP C 261 -22.05 -1.07 20.62
N PHE C 262 -21.82 -1.44 19.37
CA PHE C 262 -20.71 -2.32 19.05
C PHE C 262 -19.37 -1.67 19.38
N SER C 263 -19.19 -0.41 19.00
CA SER C 263 -17.93 0.28 19.28
C SER C 263 -17.65 0.23 20.78
N LYS C 264 -18.67 0.57 21.57
CA LYS C 264 -18.50 0.54 23.01
C LYS C 264 -18.16 -0.87 23.56
N ALA C 265 -18.99 -1.86 23.22
CA ALA C 265 -18.79 -3.24 23.69
C ALA C 265 -17.49 -3.88 23.21
N PHE C 266 -17.06 -3.55 21.99
CA PHE C 266 -15.85 -4.16 21.44
C PHE C 266 -14.67 -3.59 22.21
N GLU C 267 -14.71 -2.28 22.42
CA GLU C 267 -13.61 -1.67 23.18
C GLU C 267 -13.55 -2.26 24.59
N LYS C 268 -14.69 -2.32 25.25
CA LYS C 268 -14.75 -2.96 26.56
C LYS C 268 -14.18 -4.38 26.57
N LEU C 269 -14.54 -5.18 25.56
CA LEU C 269 -14.01 -6.53 25.47
C LEU C 269 -12.48 -6.52 25.43
N LEU C 270 -11.93 -5.64 24.60
CA LEU C 270 -10.49 -5.54 24.41
C LEU C 270 -9.79 -4.95 25.61
N GLU C 271 -10.54 -4.28 26.47
CA GLU C 271 -9.91 -3.70 27.64
C GLU C 271 -10.23 -4.38 28.98
N ASN C 272 -11.01 -5.46 28.96
CA ASN C 272 -11.27 -6.19 30.20
C ASN C 272 -9.97 -6.71 30.81
N GLY C 273 -9.84 -6.57 32.14
CA GLY C 273 -8.69 -7.06 32.87
C GLY C 273 -7.58 -6.03 33.04
N ILE C 274 -7.76 -4.90 32.38
CA ILE C 274 -6.72 -3.89 32.32
C ILE C 274 -7.07 -2.73 33.23
N THR C 275 -6.08 -2.26 34.00
CA THR C 275 -6.24 -1.10 34.86
C THR C 275 -5.46 0.08 34.25
N PHE C 276 -6.17 1.15 33.92
CA PHE C 276 -5.55 2.37 33.38
C PHE C 276 -5.34 3.45 34.45
N PRO C 277 -4.11 3.96 34.57
CA PRO C 277 -3.84 5.08 35.48
C PRO C 277 -4.68 6.29 35.09
N LYS C 278 -5.07 7.11 36.06
CA LYS C 278 -5.87 8.30 35.75
C LYS C 278 -5.13 9.22 34.79
N ASP C 279 -3.80 9.23 34.88
CA ASP C 279 -2.97 10.10 34.06
C ASP C 279 -2.65 9.51 32.69
N ALA C 280 -3.17 8.31 32.43
CA ALA C 280 -2.96 7.69 31.12
C ALA C 280 -3.52 8.58 30.04
N PRO C 281 -2.99 8.47 28.82
CA PRO C 281 -3.59 9.19 27.68
C PRO C 281 -5.00 8.69 27.39
N SER C 282 -5.80 9.57 26.82
CA SER C 282 -7.16 9.25 26.41
C SER C 282 -7.12 8.18 25.34
N PRO C 283 -8.22 7.44 25.17
CA PRO C 283 -8.29 6.53 24.01
C PRO C 283 -7.97 7.22 22.68
N PHE C 284 -7.36 6.46 21.77
CA PHE C 284 -7.00 6.92 20.43
C PHE C 284 -8.09 6.54 19.46
N ILE C 285 -8.52 7.50 18.64
CA ILE C 285 -9.41 7.20 17.54
C ILE C 285 -8.62 7.37 16.25
N PHE C 286 -8.33 6.25 15.59
CA PHE C 286 -7.44 6.23 14.44
C PHE C 286 -8.16 6.56 13.13
N LYS C 287 -7.48 7.34 12.30
CA LYS C 287 -8.03 7.68 11.00
C LYS C 287 -7.81 6.53 10.03
N THR C 288 -8.80 6.29 9.19
CA THR C 288 -8.76 5.18 8.26
C THR C 288 -7.83 5.58 7.12
N LEU C 289 -7.35 4.61 6.36
CA LEU C 289 -6.54 4.90 5.18
C LEU C 289 -7.28 5.84 4.26
N GLU C 290 -8.53 5.49 3.96
CA GLU C 290 -9.36 6.27 3.05
C GLU C 290 -9.39 7.74 3.44
N GLU C 291 -9.43 8.05 4.74
CA GLU C 291 -9.51 9.46 5.13
C GLU C 291 -8.16 10.18 5.25
N GLN C 292 -7.06 9.44 5.18
CA GLN C 292 -5.72 10.03 5.04
C GLN C 292 -5.29 10.03 3.57
N GLY C 293 -6.20 9.63 2.68
CA GLY C 293 -5.88 9.57 1.26
C GLY C 293 -4.84 8.51 0.93
N LEU C 294 -4.59 7.62 1.87
CA LEU C 294 -3.63 6.53 1.66
C LEU C 294 -4.32 5.25 1.14
N GLY D 1 -7.44 -7.60 -20.62
CA GLY D 1 -7.51 -8.42 -19.41
C GLY D 1 -7.84 -9.88 -19.66
N SER D 2 -7.83 -10.66 -18.58
CA SER D 2 -8.09 -12.10 -18.64
C SER D 2 -9.52 -12.44 -18.20
N ALA D 3 -10.28 -13.05 -19.11
CA ALA D 3 -11.68 -13.36 -18.84
C ALA D 3 -11.91 -14.60 -17.98
N LYS D 4 -10.90 -15.47 -17.89
CA LYS D 4 -11.00 -16.62 -16.99
C LYS D 4 -10.79 -16.12 -15.56
N LYS D 5 -9.75 -15.30 -15.40
CA LYS D 5 -9.45 -14.67 -14.14
C LYS D 5 -10.65 -13.82 -13.75
N GLY D 6 -11.22 -13.13 -14.73
CA GLY D 6 -12.42 -12.35 -14.54
C GLY D 6 -13.58 -13.21 -14.07
N ALA D 7 -13.73 -14.38 -14.68
CA ALA D 7 -14.75 -15.34 -14.28
C ALA D 7 -14.62 -15.63 -12.80
N THR D 8 -13.45 -16.12 -12.39
CA THR D 8 -13.19 -16.43 -10.99
C THR D 8 -13.52 -15.25 -10.07
N LEU D 9 -12.97 -14.08 -10.41
CA LEU D 9 -13.24 -12.85 -9.66
C LEU D 9 -14.73 -12.58 -9.46
N PHE D 10 -15.53 -12.81 -10.51
CA PHE D 10 -16.97 -12.64 -10.37
C PHE D 10 -17.58 -13.71 -9.46
N LYS D 11 -17.11 -14.94 -9.57
CA LYS D 11 -17.65 -16.02 -8.74
C LYS D 11 -17.48 -15.69 -7.26
N THR D 12 -16.25 -15.43 -6.85
CA THR D 12 -15.92 -15.22 -5.44
C THR D 12 -16.44 -13.90 -4.82
N ARG D 13 -16.54 -12.84 -5.62
CA ARG D 13 -16.76 -11.49 -5.08
C ARG D 13 -18.04 -10.77 -5.50
N CYS D 14 -18.80 -11.33 -6.44
CA CYS D 14 -20.00 -10.66 -6.92
C CYS D 14 -21.20 -11.59 -6.86
N LEU D 15 -20.95 -12.86 -7.15
CA LEU D 15 -22.00 -13.83 -7.41
C LEU D 15 -22.96 -14.05 -6.23
N GLN D 16 -22.50 -13.80 -5.01
CA GLN D 16 -23.38 -13.99 -3.87
C GLN D 16 -24.51 -12.96 -3.88
N CYS D 17 -24.36 -11.94 -4.73
CA CYS D 17 -25.34 -10.87 -4.80
C CYS D 17 -25.85 -10.62 -6.21
N HIS D 18 -25.21 -11.23 -7.21
CA HIS D 18 -25.57 -11.01 -8.61
C HIS D 18 -25.52 -12.26 -9.51
N THR D 19 -26.48 -12.35 -10.44
CA THR D 19 -26.38 -13.32 -11.54
C THR D 19 -26.22 -12.53 -12.83
N VAL D 20 -25.73 -13.19 -13.88
CA VAL D 20 -25.39 -12.50 -15.12
C VAL D 20 -26.16 -12.99 -16.36
N GLU D 21 -26.60 -14.24 -16.32
CA GLU D 21 -27.29 -14.85 -17.45
C GLU D 21 -28.63 -14.17 -17.75
N LYS D 22 -29.16 -14.44 -18.94
CA LYS D 22 -30.45 -13.90 -19.38
C LYS D 22 -31.58 -14.49 -18.57
N GLY D 23 -32.57 -13.66 -18.24
CA GLY D 23 -33.67 -14.11 -17.41
C GLY D 23 -33.20 -14.59 -16.05
N GLY D 24 -32.14 -13.97 -15.54
CA GLY D 24 -31.62 -14.29 -14.22
C GLY D 24 -32.40 -13.55 -13.14
N PRO D 25 -32.48 -14.15 -11.94
CA PRO D 25 -33.25 -13.58 -10.83
C PRO D 25 -32.50 -12.50 -10.05
N HIS D 26 -33.23 -11.50 -9.55
CA HIS D 26 -32.66 -10.52 -8.64
C HIS D 26 -32.35 -11.24 -7.33
N LYS D 27 -31.29 -10.81 -6.63
CA LYS D 27 -30.94 -11.40 -5.34
C LYS D 27 -30.77 -10.28 -4.33
N VAL D 28 -29.65 -10.28 -3.62
CA VAL D 28 -29.28 -9.11 -2.84
C VAL D 28 -29.22 -7.90 -3.79
N GLY D 29 -28.50 -8.04 -4.90
CA GLY D 29 -28.43 -7.00 -5.93
C GLY D 29 -29.21 -7.34 -7.20
N PRO D 30 -29.36 -6.37 -8.12
CA PRO D 30 -30.14 -6.66 -9.34
C PRO D 30 -29.36 -7.56 -10.30
N ASN D 31 -30.06 -8.33 -11.13
CA ASN D 31 -29.40 -9.14 -12.15
C ASN D 31 -28.63 -8.22 -13.12
N LEU D 32 -27.51 -8.70 -13.66
CA LEU D 32 -26.61 -7.83 -14.45
C LEU D 32 -26.58 -8.12 -15.94
N HIS D 33 -27.48 -8.97 -16.43
CA HIS D 33 -27.51 -9.23 -17.86
C HIS D 33 -27.73 -7.95 -18.65
N GLY D 34 -26.89 -7.73 -19.66
CA GLY D 34 -26.98 -6.54 -20.49
C GLY D 34 -26.69 -5.25 -19.76
N ILE D 35 -25.83 -5.31 -18.75
CA ILE D 35 -25.57 -4.12 -17.93
C ILE D 35 -24.91 -2.99 -18.71
N PHE D 36 -23.97 -3.32 -19.59
CA PHE D 36 -23.24 -2.30 -20.35
C PHE D 36 -24.14 -1.68 -21.41
N GLY D 37 -24.04 -0.37 -21.56
CA GLY D 37 -24.86 0.33 -22.53
C GLY D 37 -26.20 0.70 -21.94
N ARG D 38 -26.40 0.36 -20.67
CA ARG D 38 -27.63 0.74 -19.97
C ARG D 38 -27.36 1.77 -18.89
N HIS D 39 -28.41 2.47 -18.48
CA HIS D 39 -28.30 3.42 -17.39
C HIS D 39 -28.58 2.72 -16.09
N SER D 40 -28.06 3.28 -15.01
CA SER D 40 -28.18 2.67 -13.70
C SER D 40 -29.62 2.75 -13.20
N GLY D 41 -30.03 1.69 -12.49
CA GLY D 41 -31.25 1.71 -11.68
C GLY D 41 -32.61 1.55 -12.33
N GLN D 42 -32.65 1.19 -13.62
CA GLN D 42 -33.91 1.27 -14.35
C GLN D 42 -34.74 -0.02 -14.36
N ALA D 43 -34.13 -1.15 -14.01
CA ALA D 43 -34.86 -2.41 -13.92
C ALA D 43 -35.67 -2.46 -12.62
N GLU D 44 -36.65 -1.57 -12.50
CA GLU D 44 -37.47 -1.49 -11.29
C GLU D 44 -38.26 -2.77 -11.08
N GLY D 45 -38.73 -2.95 -9.85
CA GLY D 45 -39.22 -4.22 -9.40
C GLY D 45 -38.17 -4.76 -8.47
N TYR D 46 -36.91 -4.50 -8.81
CA TYR D 46 -35.80 -4.81 -7.92
C TYR D 46 -35.76 -3.86 -6.74
N SER D 47 -36.11 -2.60 -6.99
CA SER D 47 -36.07 -1.52 -6.01
C SER D 47 -34.64 -1.15 -5.64
N TYR D 48 -34.20 -0.01 -6.16
CA TYR D 48 -32.87 0.53 -5.87
C TYR D 48 -32.94 1.53 -4.73
N THR D 49 -31.79 2.05 -4.32
CA THR D 49 -31.79 3.22 -3.45
C THR D 49 -32.00 4.42 -4.37
N ASP D 50 -32.21 5.59 -3.78
CA ASP D 50 -32.33 6.80 -4.59
C ASP D 50 -31.02 7.11 -5.30
N ALA D 51 -29.90 6.87 -4.63
CA ALA D 51 -28.58 7.25 -5.14
C ALA D 51 -28.26 6.56 -6.47
N ASN D 52 -28.47 5.26 -6.53
CA ASN D 52 -28.21 4.51 -7.76
C ASN D 52 -28.98 5.07 -8.95
N ILE D 53 -30.19 5.56 -8.67
CA ILE D 53 -31.02 6.19 -9.70
C ILE D 53 -30.45 7.56 -10.07
N LYS D 54 -30.18 8.37 -9.05
CA LYS D 54 -29.65 9.73 -9.20
C LYS D 54 -28.37 9.80 -10.04
N LYS D 55 -27.53 8.77 -9.93
CA LYS D 55 -26.25 8.77 -10.63
C LYS D 55 -26.42 8.90 -12.15
N ASN D 56 -27.34 8.10 -12.70
CA ASN D 56 -27.61 8.09 -14.14
C ASN D 56 -26.32 7.93 -14.96
N VAL D 57 -25.85 6.70 -15.06
CA VAL D 57 -24.58 6.43 -15.74
C VAL D 57 -24.64 5.30 -16.77
N LEU D 58 -24.36 5.65 -18.03
CA LEU D 58 -24.16 4.65 -19.07
C LEU D 58 -22.91 3.86 -18.74
N TRP D 59 -23.08 2.57 -18.48
CA TRP D 59 -21.96 1.75 -18.00
C TRP D 59 -21.04 1.26 -19.11
N ASP D 60 -19.78 1.71 -19.07
CA ASP D 60 -18.73 1.19 -19.93
C ASP D 60 -17.55 0.74 -19.08
N GLU D 61 -16.46 0.29 -19.70
CA GLU D 61 -15.27 -0.13 -18.95
C GLU D 61 -14.83 0.92 -17.93
N ASN D 62 -14.84 2.18 -18.35
CA ASN D 62 -14.32 3.28 -17.54
C ASN D 62 -15.09 3.57 -16.24
N ASN D 63 -16.34 4.01 -16.37
CA ASN D 63 -17.14 4.34 -15.19
C ASN D 63 -17.48 3.13 -14.33
N MET D 64 -17.59 1.96 -14.96
CA MET D 64 -17.71 0.70 -14.23
C MET D 64 -16.47 0.47 -13.38
N SER D 65 -15.30 0.72 -13.96
CA SER D 65 -14.03 0.65 -13.21
C SER D 65 -14.07 1.56 -12.00
N GLU D 66 -14.42 2.82 -12.23
CA GLU D 66 -14.49 3.80 -11.15
C GLU D 66 -15.42 3.35 -10.02
N TYR D 67 -16.61 2.89 -10.40
CA TYR D 67 -17.60 2.41 -9.43
C TYR D 67 -17.04 1.32 -8.52
N LEU D 68 -16.39 0.33 -9.11
CA LEU D 68 -15.98 -0.85 -8.37
C LEU D 68 -14.68 -0.67 -7.58
N THR D 69 -14.03 0.48 -7.77
CA THR D 69 -12.87 0.81 -6.96
C THR D 69 -13.35 1.18 -5.56
N ASN D 70 -14.50 1.82 -5.51
CA ASN D 70 -15.09 2.32 -4.28
C ASN D 70 -16.53 2.76 -4.54
N PRO D 71 -17.48 1.81 -4.47
CA PRO D 71 -18.89 2.10 -4.76
C PRO D 71 -19.47 3.27 -3.96
N LYS D 72 -19.20 3.30 -2.66
CA LYS D 72 -19.70 4.37 -1.79
C LYS D 72 -19.17 5.75 -2.22
N LYS D 73 -18.01 5.78 -2.87
CA LYS D 73 -17.43 7.05 -3.31
C LYS D 73 -17.96 7.47 -4.67
N TYR D 74 -18.25 6.50 -5.53
CA TYR D 74 -18.83 6.79 -6.84
C TYR D 74 -20.32 7.07 -6.70
N ILE D 75 -21.02 6.26 -5.90
CA ILE D 75 -22.45 6.47 -5.67
C ILE D 75 -22.75 6.49 -4.17
N PRO D 76 -22.57 7.65 -3.53
CA PRO D 76 -22.81 7.80 -2.08
C PRO D 76 -24.23 7.47 -1.69
N GLY D 77 -24.41 6.61 -0.69
CA GLY D 77 -25.73 6.20 -0.26
C GLY D 77 -26.14 4.86 -0.85
N THR D 78 -25.30 4.31 -1.72
CA THR D 78 -25.59 3.04 -2.33
C THR D 78 -25.65 1.94 -1.25
N LYS D 79 -26.56 0.99 -1.44
CA LYS D 79 -26.71 -0.10 -0.47
C LYS D 79 -25.86 -1.31 -0.87
N MET D 80 -25.11 -1.16 -1.96
CA MET D 80 -24.18 -2.19 -2.38
C MET D 80 -23.03 -2.31 -1.38
N ALA D 81 -22.99 -3.43 -0.65
CA ALA D 81 -21.99 -3.58 0.39
C ALA D 81 -20.76 -4.27 -0.15
N PHE D 82 -19.85 -3.49 -0.75
CA PHE D 82 -18.68 -4.05 -1.39
C PHE D 82 -17.47 -3.14 -1.18
N GLY D 83 -16.38 -3.71 -0.68
CA GLY D 83 -15.18 -2.95 -0.34
C GLY D 83 -14.43 -2.37 -1.52
N GLY D 84 -14.68 -2.88 -2.71
CA GLY D 84 -14.05 -2.35 -3.92
C GLY D 84 -12.87 -3.16 -4.41
N LEU D 85 -12.64 -3.15 -5.71
CA LEU D 85 -11.50 -3.84 -6.29
C LEU D 85 -10.35 -2.85 -6.44
N LYS D 86 -9.33 -2.98 -5.61
CA LYS D 86 -8.28 -1.98 -5.57
C LYS D 86 -7.13 -2.29 -6.52
N LYS D 87 -7.20 -3.42 -7.22
CA LYS D 87 -6.15 -3.73 -8.20
C LYS D 87 -6.61 -3.54 -9.65
N GLU D 88 -5.82 -2.77 -10.39
CA GLU D 88 -6.10 -2.44 -11.79
C GLU D 88 -6.27 -3.69 -12.66
N LYS D 89 -5.40 -4.69 -12.39
CA LYS D 89 -5.40 -5.96 -13.09
C LYS D 89 -6.71 -6.70 -12.82
N ASP D 90 -7.16 -6.67 -11.57
CA ASP D 90 -8.45 -7.26 -11.21
C ASP D 90 -9.65 -6.59 -11.89
N ARG D 91 -9.74 -5.27 -11.87
CA ARG D 91 -10.85 -4.52 -12.49
C ARG D 91 -10.99 -4.72 -14.02
N ASN D 92 -9.91 -4.51 -14.78
CA ASN D 92 -9.99 -4.81 -16.22
C ASN D 92 -10.30 -6.28 -16.48
N ASP D 93 -9.77 -7.18 -15.64
CA ASP D 93 -10.13 -8.60 -15.76
C ASP D 93 -11.63 -8.81 -15.60
N LEU D 94 -12.16 -8.45 -14.44
CA LEU D 94 -13.56 -8.63 -14.10
C LEU D 94 -14.47 -7.98 -15.14
N ILE D 95 -14.06 -6.83 -15.66
CA ILE D 95 -14.84 -6.16 -16.70
C ILE D 95 -14.80 -6.93 -18.02
N THR D 96 -13.64 -7.44 -18.40
CA THR D 96 -13.53 -8.26 -19.61
C THR D 96 -14.43 -9.50 -19.53
N TYR D 97 -14.43 -10.18 -18.38
CA TYR D 97 -15.35 -11.30 -18.18
C TYR D 97 -16.81 -10.85 -18.19
N LEU D 98 -17.11 -9.72 -17.58
CA LEU D 98 -18.47 -9.26 -17.41
C LEU D 98 -19.10 -8.79 -18.72
N LYS D 99 -18.25 -8.30 -19.62
CA LYS D 99 -18.68 -7.92 -20.96
C LYS D 99 -19.30 -9.09 -21.68
N LYS D 100 -18.51 -10.16 -21.82
CA LYS D 100 -18.94 -11.38 -22.48
C LYS D 100 -20.07 -12.06 -21.71
N ALA D 101 -20.00 -11.97 -20.38
CA ALA D 101 -20.95 -12.63 -19.49
C ALA D 101 -22.37 -12.12 -19.68
N CYS D 102 -22.53 -10.80 -19.69
CA CYS D 102 -23.85 -10.20 -19.72
C CYS D 102 -24.27 -9.85 -21.14
N GLU D 103 -23.61 -10.45 -22.11
CA GLU D 103 -23.98 -10.27 -23.52
C GLU D 103 -24.91 -11.38 -23.99
CHA HEM E . 17.20 9.17 -19.23
CHB HEM E . 19.64 12.51 -21.82
CHC HEM E . 19.70 15.55 -18.08
CHD HEM E . 16.77 12.50 -15.71
C1A HEM E . 17.82 9.84 -20.28
C2A HEM E . 17.91 9.38 -21.64
C3A HEM E . 18.58 10.30 -22.33
C4A HEM E . 18.94 11.38 -21.44
CMA HEM E . 18.93 10.22 -23.84
CAA HEM E . 17.36 8.06 -22.23
CBA HEM E . 15.84 8.10 -22.31
CGA HEM E . 15.37 6.70 -22.67
O1A HEM E . 16.00 6.12 -23.60
O2A HEM E . 14.42 6.18 -22.04
C1B HEM E . 19.96 13.58 -21.01
C2B HEM E . 20.90 14.66 -21.34
C3B HEM E . 20.91 15.50 -20.29
C4B HEM E . 19.99 14.99 -19.30
CMB HEM E . 21.67 14.70 -22.66
CAB HEM E . 21.72 16.81 -20.05
CBB HEM E . 22.75 17.21 -20.81
C1C HEM E . 18.85 15.01 -17.14
C2C HEM E . 18.39 15.66 -15.93
C3C HEM E . 17.59 14.81 -15.29
C4C HEM E . 17.50 13.61 -16.07
CMC HEM E . 18.81 17.09 -15.52
CAC HEM E . 16.80 14.95 -13.96
CBC HEM E . 16.82 16.02 -13.16
C1D HEM E . 16.72 11.29 -16.35
C2D HEM E . 16.22 10.06 -15.77
C3D HEM E . 16.35 9.00 -16.87
C4D HEM E . 16.91 9.72 -18.01
CMD HEM E . 15.70 9.90 -14.33
CAD HEM E . 15.97 7.51 -16.81
CBD HEM E . 14.50 7.41 -17.24
CGD HEM E . 14.04 5.97 -17.29
O1D HEM E . 12.95 5.69 -17.85
O2D HEM E . 14.78 5.10 -16.77
NA HEM E . 18.46 11.06 -20.20
NB HEM E . 19.43 13.83 -19.79
NC HEM E . 18.28 13.76 -17.20
ND HEM E . 17.11 11.04 -17.66
FE HEM E . 18.52 12.39 -18.63
CHA HEM F . 24.16 -7.13 1.50
CHB HEM F . 21.03 -10.04 -0.78
CHC HEM F . 20.05 -6.38 -3.84
CHD HEM F . 24.35 -4.57 -2.66
C1A HEM F . 23.34 -8.19 1.25
C2A HEM F . 23.11 -9.35 2.11
C3A HEM F . 22.25 -10.17 1.48
C4A HEM F . 21.89 -9.57 0.21
CMA HEM F . 21.72 -11.53 2.01
CAA HEM F . 23.80 -9.57 3.46
CBA HEM F . 25.11 -10.23 3.06
CGA HEM F . 25.96 -10.58 4.25
O1A HEM F . 26.95 -11.34 4.05
O2A HEM F . 25.66 -10.11 5.37
C1B HEM F . 20.40 -9.23 -1.68
C2B HEM F . 19.06 -9.40 -2.16
C3B HEM F . 18.78 -8.39 -3.01
C4B HEM F . 19.94 -7.52 -3.06
CMB HEM F . 18.19 -10.61 -1.75
CAB HEM F . 17.46 -8.06 -3.73
CBB HEM F . 16.28 -8.45 -3.24
C1C HEM F . 21.14 -5.54 -3.83
C2C HEM F . 21.33 -4.31 -4.60
C3C HEM F . 22.54 -3.80 -4.26
C4C HEM F . 23.12 -4.70 -3.27
CMC HEM F . 20.30 -3.77 -5.60
CAC HEM F . 23.26 -2.51 -4.73
CBC HEM F . 22.74 -1.58 -5.55
C1D HEM F . 24.67 -5.00 -1.41
C2D HEM F . 25.72 -4.44 -0.58
C3D HEM F . 25.67 -5.25 0.71
C4D HEM F . 24.59 -6.20 0.55
CMD HEM F . 26.69 -3.29 -0.93
CAD HEM F . 26.58 -5.05 1.95
CBD HEM F . 25.89 -4.03 2.86
CGD HEM F . 26.88 -3.60 3.91
O1D HEM F . 28.01 -4.16 3.93
O2D HEM F . 26.51 -2.70 4.72
NA HEM F . 22.56 -8.37 0.14
NB HEM F . 20.92 -8.06 -2.24
NC HEM F . 22.25 -5.73 -3.06
ND HEM F . 24.03 -6.02 -0.72
FE HEM F . 22.36 -6.93 -1.44
CHA HEM G . -16.31 -17.13 13.25
CHB HEM G . -18.23 -19.02 17.31
CHC HEM G . -18.75 -14.62 19.19
CHD HEM G . -16.19 -12.81 15.51
C1A HEM G . -16.76 -18.03 14.20
C2A HEM G . -16.72 -19.48 14.10
C3A HEM G . -17.25 -19.98 15.23
C4A HEM G . -17.64 -18.88 16.07
CMA HEM G . -17.44 -21.46 15.62
CAA HEM G . -16.17 -20.29 12.91
CBA HEM G . -14.66 -20.33 12.87
CGA HEM G . -14.18 -21.09 11.65
O1A HEM G . -14.77 -22.14 11.29
O2A HEM G . -13.18 -20.63 11.03
C1B HEM G . -18.64 -18.00 18.12
C2B HEM G . -19.50 -18.14 19.27
C3B HEM G . -19.65 -16.92 19.82
C4B HEM G . -18.89 -15.98 19.01
CMB HEM G . -20.06 -19.50 19.70
CAB HEM G . -20.47 -16.49 21.06
CBB HEM G . -21.40 -17.27 21.62
C1C HEM G . -18.00 -13.77 18.39
C2C HEM G . -17.61 -12.41 18.75
C3C HEM G . -16.88 -11.91 17.73
C4C HEM G . -16.82 -12.94 16.71
CMC HEM G . -18.02 -11.78 20.11
CAC HEM G . -16.22 -10.54 17.54
CBC HEM G . -16.50 -9.47 18.29
C1D HEM G . -16.07 -13.76 14.51
C2D HEM G . -15.61 -13.49 13.15
C3D HEM G . -15.66 -14.84 12.43
C4D HEM G . -16.12 -15.79 13.43
CMD HEM G . -15.20 -12.15 12.55
CAD HEM G . -15.26 -15.10 10.97
CBD HEM G . -13.76 -15.41 10.96
CGD HEM G . -13.32 -15.79 9.57
O1D HEM G . -12.15 -16.20 9.37
O2D HEM G . -14.14 -15.68 8.64
NA HEM G . -17.33 -17.70 15.43
NB HEM G . -18.28 -16.68 17.99
NC HEM G . -17.50 -14.06 17.15
ND HEM G . -16.35 -15.12 14.62
FE HEM G . -17.55 -15.84 16.19
CHA HEM H . -25.31 -2.50 -7.72
CHB HEM H . -21.95 -5.06 -10.02
CHC HEM H . -20.67 -7.00 -5.73
CHD HEM H . -24.98 -5.77 -4.09
C1A HEM H . -24.47 -2.91 -8.73
C2A HEM H . -24.34 -2.36 -10.07
C3A HEM H . -23.41 -3.08 -10.70
C4A HEM H . -22.90 -4.09 -9.79
CMA HEM H . -22.91 -2.92 -12.14
CAA HEM H . -25.16 -1.19 -10.67
CBA HEM H . -26.66 -1.36 -10.43
CGA HEM H . -27.43 -0.84 -11.61
O1A HEM H . -27.18 -1.33 -12.74
O2A HEM H . -28.29 0.07 -11.45
C1B HEM H . -21.25 -5.66 -8.99
C2B HEM H . -19.87 -6.06 -9.06
C3B HEM H . -19.53 -6.61 -7.88
C4B HEM H . -20.67 -6.53 -7.03
CMB HEM H . -19.02 -5.90 -10.34
CAB HEM H . -18.19 -7.16 -7.38
CBB HEM H . -17.03 -6.77 -7.92
C1C HEM H . -21.72 -6.83 -4.88
C2C HEM H . -21.77 -7.22 -3.49
C3C HEM H . -22.99 -6.88 -3.02
C4C HEM H . -23.71 -6.26 -4.11
CMC HEM H . -20.60 -7.92 -2.77
CAC HEM H . -23.58 -7.03 -1.59
CBC HEM H . -22.92 -7.51 -0.53
C1D HEM H . -25.43 -4.76 -4.90
C2D HEM H . -26.62 -4.02 -4.62
C3D HEM H . -26.74 -3.02 -5.76
C4D HEM H . -25.59 -3.23 -6.59
CMD HEM H . -27.57 -4.25 -3.42
CAD HEM H . -27.84 -1.95 -5.93
CBD HEM H . -27.49 -0.91 -4.87
CGD HEM H . -28.46 0.22 -4.90
O1D HEM H . -29.41 0.17 -5.73
O2D HEM H . -28.28 1.17 -4.09
NA HEM H . -23.59 -3.95 -8.60
NB HEM H . -21.72 -5.93 -7.73
NC HEM H . -22.92 -6.26 -5.23
ND HEM H . -24.83 -4.27 -6.06
FE HEM H . -23.20 -5.06 -6.91
#